data_7PQZ
#
_entry.id   7PQZ
#
_cell.length_a   115.813
_cell.length_b   115.813
_cell.length_c   237.778
_cell.angle_alpha   90.000
_cell.angle_beta   90.000
_cell.angle_gamma   120.000
#
_symmetry.space_group_name_H-M   'P 31 2 1'
#
loop_
_entity.id
_entity.type
_entity.pdbx_description
1 polymer 'Spike protein S1'
2 polymer 'FI-3A Fab heavy chain'
3 polymer 'FI-3A Fab light chain'
4 polymer 'FD-11A Fab heavy chain'
5 polymer 'FD-11A Fab light chain'
6 branched 2-acetamido-2-deoxy-beta-D-glucopyranose-(1-4)-2-acetamido-2-deoxy-beta-D-glucopyranose
7 non-polymer 'PHOSPHATE ION'
#
loop_
_entity_poly.entity_id
_entity_poly.type
_entity_poly.pdbx_seq_one_letter_code
_entity_poly.pdbx_strand_id
1 'polypeptide(L)'
;ETGHHHHHHTNLCPFGEVFNATRFASVYAWNRKRISNCVADYSVLYNSASFSTFKCYGVSPTKLNDLCFTNVYADSFVIR
GDEVRQIAPGQTGKIADYNYKLPDDFTGCVIAWNSNNLDSKVGGNYNYLYRLFRKSNLKPFERDISTEIYQAGSTPCNGV
EGFNCYFPLQSYGFQPTNGVGYQPYRVVVLSFELLHAPATVCGKK
;
E
2 'polypeptide(L)'
;EVQLLESGGGLIQPGGSLRLSCAASGFTVSSNYMSWVRQAPGKGLEWVSVIYSGGSTYYADSVKGRFTISRDNSKNTLYL
QMNSLRAEDTAVYYCARDHVRPGMNIWGQGTMVTVSSASTKGPSVFPLAPSSKSTSGGTAALGCLVKDYFPEPVTVSWNS
GALTSGVHTFPAVLQSSGLYSLSSVVTVPSSSLGTQTYICNVNHKPSNTKVDKKVEPKSCDK
;
H
3 'polypeptide(L)'
;AIRMTQSPSSLSASVGDRVTITCQASQDISNYLNWYQQKPGKAPKLLIYDASNLETGVPSRFSGSGSGTDFTFTISSLQP
EDIATYYCQQYDNLPVTFGGGTKVDIKRTVAAPSVFIFPPSDEQLKSGTASVVCLLNNFYPREAKVQWKVDNALQSGNSQ
ESVTEQDSKDSTYSLSSTLTLSKADYEKHKVYACEVTHQGLSSPVTKSFNRGEC
;
L
4 'polypeptide(L)'
;EVQLVESGGGVVQPGRSLRLSCAASGFTFSSYGMHWVRQAPGKGLEWVAVIWYDGSNKYYADSVKGRFTISRDNSKNTLY
LQMNSLRAEDTAVYYCAKGPDILTGYYNYYYYGMDVWGQGTMVTVSSASTKGPSVFPLAPSSKSTSGGTAALGCLVKDYF
PEPVTVSWNSGALTSGVHTFPAVLQSSGLYSLSSVVTVPSSSLGTQTYICNVNHKPSNTKVDKRVEPKSCDK
;
A
5 'polypeptide(L)'
;QSVLTQPPSVSGAPGQRVTISCTGSSSNIGAGYDVHWYQQLPGTAPKLLIYGNSNRPSGVPDRFSGSKSGTSASLAITGL
QAEDEADYYCQSYDSSLSGFYVVFGGGTKLTVLGQPKAAPSVTLFPPSSEELQANKATLVCLISDFYPGAVTVAWKADSS
PVKAGVETTTPSKQSNNKYAASSYLSLTPEQWKSHRSYSCQVTHEGSTVEKTVAPTECS
;
B
#
# COMPACT_ATOMS: atom_id res chain seq x y z
N ASN A 11 1.34 40.69 -27.67
CA ASN A 11 1.81 39.39 -27.16
C ASN A 11 0.83 38.82 -26.16
N LEU A 12 0.80 37.49 -26.06
CA LEU A 12 -0.12 36.79 -25.19
C LEU A 12 0.51 36.53 -23.83
N CYS A 13 -0.34 36.38 -22.82
CA CYS A 13 0.15 36.16 -21.47
C CYS A 13 0.68 34.74 -21.32
N PRO A 14 1.77 34.55 -20.59
CA PRO A 14 2.41 33.22 -20.47
C PRO A 14 1.78 32.37 -19.37
N PHE A 15 0.46 32.16 -19.46
CA PHE A 15 -0.21 31.27 -18.53
C PHE A 15 0.18 29.82 -18.72
N GLY A 16 0.65 29.44 -19.92
CA GLY A 16 1.06 28.07 -20.14
C GLY A 16 2.27 27.66 -19.33
N GLU A 17 3.12 28.62 -18.95
CA GLU A 17 4.31 28.29 -18.19
C GLU A 17 4.00 27.90 -16.75
N VAL A 18 2.79 28.18 -16.28
CA VAL A 18 2.44 27.95 -14.87
C VAL A 18 1.66 26.65 -14.73
N PHE A 19 0.50 26.56 -15.39
CA PHE A 19 -0.33 25.37 -15.26
C PHE A 19 0.36 24.13 -15.81
N ASN A 20 1.29 24.31 -16.74
CA ASN A 20 1.94 23.22 -17.44
C ASN A 20 3.35 22.93 -16.95
N ALA A 21 3.77 23.55 -15.85
CA ALA A 21 5.14 23.37 -15.37
C ALA A 21 5.40 21.91 -15.01
N THR A 22 6.52 21.37 -15.50
CA THR A 22 6.87 19.98 -15.23
C THR A 22 7.05 19.71 -13.74
N ARG A 23 7.34 20.72 -12.95
CA ARG A 23 7.49 20.58 -11.50
C ARG A 23 6.82 21.75 -10.80
N PHE A 24 6.36 21.50 -9.59
CA PHE A 24 5.67 22.51 -8.79
C PHE A 24 6.42 22.72 -7.48
N ALA A 25 6.28 23.93 -6.93
CA ALA A 25 6.95 24.26 -5.68
C ALA A 25 6.12 23.77 -4.49
N SER A 26 6.81 23.60 -3.36
CA SER A 26 6.13 23.25 -2.13
C SER A 26 5.25 24.40 -1.67
N VAL A 27 4.27 24.09 -0.81
CA VAL A 27 3.29 25.09 -0.42
C VAL A 27 3.91 26.15 0.49
N TYR A 28 4.88 25.78 1.32
CA TYR A 28 5.48 26.76 2.22
C TYR A 28 6.33 27.77 1.45
N ALA A 29 7.05 27.30 0.44
CA ALA A 29 7.80 28.19 -0.44
C ALA A 29 7.05 28.35 -1.77
N TRP A 30 5.80 28.81 -1.71
CA TRP A 30 4.95 28.82 -2.89
C TRP A 30 5.51 29.76 -3.96
N ASN A 31 5.41 29.34 -5.22
CA ASN A 31 5.94 30.09 -6.35
C ASN A 31 4.92 31.13 -6.82
N ARG A 32 5.42 32.28 -7.27
CA ARG A 32 4.58 33.34 -7.78
C ARG A 32 5.12 33.85 -9.11
N LYS A 33 4.20 34.10 -10.05
CA LYS A 33 4.54 34.63 -11.37
C LYS A 33 3.81 35.95 -11.56
N ARG A 34 4.58 37.01 -11.84
CA ARG A 34 4.01 38.33 -12.10
C ARG A 34 3.71 38.44 -13.59
N ILE A 35 2.45 38.66 -13.92
CA ILE A 35 1.98 38.71 -15.31
C ILE A 35 1.62 40.16 -15.63
N SER A 36 2.26 40.70 -16.66
CA SER A 36 2.02 42.08 -17.05
C SER A 36 2.31 42.25 -18.55
N ASN A 37 1.60 43.21 -19.14
CA ASN A 37 1.79 43.63 -20.54
C ASN A 37 1.59 42.45 -21.50
N CYS A 38 0.33 42.05 -21.61
CA CYS A 38 -0.07 40.94 -22.47
C CYS A 38 -1.59 40.83 -22.46
N VAL A 39 -2.11 40.04 -23.40
CA VAL A 39 -3.53 39.73 -23.47
C VAL A 39 -3.70 38.25 -23.16
N ALA A 40 -4.92 37.89 -22.76
CA ALA A 40 -5.21 36.50 -22.41
C ALA A 40 -6.71 36.28 -22.42
N ASP A 41 -7.12 35.12 -22.95
CA ASP A 41 -8.51 34.70 -22.96
C ASP A 41 -8.70 33.64 -21.89
N TYR A 42 -9.47 33.98 -20.85
CA TYR A 42 -9.68 33.06 -19.74
C TYR A 42 -10.77 32.04 -20.02
N SER A 43 -11.48 32.17 -21.15
CA SER A 43 -12.47 31.17 -21.51
C SER A 43 -11.83 29.81 -21.76
N VAL A 44 -10.60 29.80 -22.29
CA VAL A 44 -9.90 28.54 -22.54
C VAL A 44 -9.71 27.76 -21.24
N LEU A 45 -9.43 28.47 -20.15
CA LEU A 45 -9.11 27.80 -18.89
C LEU A 45 -10.35 27.16 -18.27
N TYR A 46 -11.45 27.91 -18.17
CA TYR A 46 -12.64 27.35 -17.56
C TYR A 46 -13.27 26.26 -18.44
N ASN A 47 -13.16 26.39 -19.76
CA ASN A 47 -13.75 25.38 -20.65
C ASN A 47 -13.20 24.00 -20.35
N SER A 48 -11.93 23.91 -19.97
CA SER A 48 -11.34 22.63 -19.62
C SER A 48 -11.94 22.12 -18.31
N ALA A 49 -12.50 20.91 -18.35
CA ALA A 49 -13.04 20.26 -17.17
C ALA A 49 -12.02 19.37 -16.47
N SER A 50 -10.74 19.54 -16.77
CA SER A 50 -9.70 18.78 -16.09
C SER A 50 -9.51 19.26 -14.65
N PHE A 51 -9.80 20.54 -14.39
CA PHE A 51 -9.66 21.08 -13.05
C PHE A 51 -10.80 20.56 -12.16
N SER A 52 -10.43 19.91 -11.06
CA SER A 52 -11.45 19.42 -10.13
C SER A 52 -12.11 20.58 -9.38
N THR A 53 -11.34 21.62 -9.07
CA THR A 53 -11.83 22.78 -8.36
C THR A 53 -11.57 24.04 -9.19
N PHE A 54 -12.57 24.91 -9.25
CA PHE A 54 -12.47 26.15 -9.99
C PHE A 54 -13.45 27.18 -9.43
N LYS A 55 -13.08 27.82 -8.33
CA LYS A 55 -13.96 28.72 -7.60
C LYS A 55 -13.40 30.13 -7.66
N CYS A 56 -14.18 31.06 -8.21
CA CYS A 56 -13.80 32.46 -8.29
C CYS A 56 -14.51 33.28 -7.22
N TYR A 57 -13.83 34.31 -6.74
CA TYR A 57 -14.31 35.15 -5.66
C TYR A 57 -14.32 36.60 -6.10
N GLY A 58 -15.48 37.24 -6.02
CA GLY A 58 -15.60 38.63 -6.41
C GLY A 58 -15.47 38.89 -7.89
N VAL A 59 -15.66 37.88 -8.73
CA VAL A 59 -15.52 38.02 -10.16
C VAL A 59 -16.21 36.84 -10.83
N SER A 60 -16.67 37.05 -12.06
CA SER A 60 -17.29 35.98 -12.84
C SER A 60 -16.26 35.35 -13.78
N PRO A 61 -16.27 34.02 -13.89
CA PRO A 61 -15.28 33.36 -14.77
C PRO A 61 -15.43 33.74 -16.23
N THR A 62 -16.65 33.62 -16.78
CA THR A 62 -16.85 33.92 -18.19
C THR A 62 -16.70 35.40 -18.49
N LYS A 63 -17.06 36.27 -17.54
CA LYS A 63 -17.03 37.71 -17.74
C LYS A 63 -15.66 38.32 -17.51
N LEU A 64 -14.59 37.53 -17.61
CA LEU A 64 -13.25 38.01 -17.33
C LEU A 64 -12.49 38.47 -18.58
N ASN A 65 -12.93 38.06 -19.77
CA ASN A 65 -12.28 38.50 -20.99
C ASN A 65 -12.55 39.97 -21.31
N ASP A 66 -13.49 40.60 -20.61
CA ASP A 66 -13.81 42.01 -20.82
C ASP A 66 -13.29 42.90 -19.69
N LEU A 67 -12.44 42.38 -18.82
CA LEU A 67 -11.94 43.11 -17.68
C LEU A 67 -10.44 43.32 -17.83
N CYS A 68 -9.98 44.54 -17.59
CA CYS A 68 -8.56 44.87 -17.57
C CYS A 68 -8.09 45.02 -16.13
N PHE A 69 -6.88 44.54 -15.86
CA PHE A 69 -6.30 44.61 -14.51
C PHE A 69 -4.88 45.15 -14.60
N THR A 70 -4.43 45.78 -13.52
CA THR A 70 -3.08 46.32 -13.47
C THR A 70 -2.05 45.20 -13.47
N ASN A 71 -2.15 44.28 -12.51
CA ASN A 71 -1.26 43.13 -12.44
C ASN A 71 -2.07 41.89 -12.08
N VAL A 72 -1.64 40.75 -12.62
CA VAL A 72 -2.26 39.45 -12.33
C VAL A 72 -1.17 38.54 -11.79
N TYR A 73 -1.34 38.09 -10.56
CA TYR A 73 -0.37 37.22 -9.89
C TYR A 73 -0.87 35.78 -9.95
N ALA A 74 0.02 34.87 -10.32
CA ALA A 74 -0.29 33.45 -10.43
C ALA A 74 0.57 32.69 -9.42
N ASP A 75 -0.06 32.17 -8.37
CA ASP A 75 0.63 31.42 -7.34
C ASP A 75 0.36 29.93 -7.52
N SER A 76 1.43 29.13 -7.56
CA SER A 76 1.31 27.70 -7.80
C SER A 76 2.08 26.92 -6.74
N PHE A 77 1.46 25.84 -6.26
CA PHE A 77 2.08 24.95 -5.29
C PHE A 77 1.34 23.61 -5.33
N VAL A 78 1.64 22.74 -4.37
CA VAL A 78 1.03 21.41 -4.30
C VAL A 78 0.66 21.14 -2.84
N ILE A 79 -0.56 20.65 -2.63
CA ILE A 79 -1.07 20.27 -1.32
C ILE A 79 -1.84 18.96 -1.45
N ARG A 80 -2.41 18.51 -0.35
CA ARG A 80 -3.28 17.35 -0.34
C ARG A 80 -4.67 17.71 -0.86
N GLY A 81 -5.42 16.68 -1.25
CA GLY A 81 -6.80 16.90 -1.64
C GLY A 81 -7.67 17.39 -0.50
N ASP A 82 -7.39 16.94 0.72
CA ASP A 82 -8.16 17.40 1.88
C ASP A 82 -7.90 18.87 2.17
N GLU A 83 -6.75 19.39 1.77
CA GLU A 83 -6.35 20.75 2.10
C GLU A 83 -6.70 21.77 1.02
N VAL A 84 -7.28 21.33 -0.10
CA VAL A 84 -7.70 22.28 -1.14
C VAL A 84 -8.80 23.19 -0.62
N ARG A 85 -9.64 22.69 0.29
CA ARG A 85 -10.69 23.51 0.87
C ARG A 85 -10.14 24.65 1.71
N GLN A 86 -8.87 24.58 2.11
CA GLN A 86 -8.26 25.67 2.88
C GLN A 86 -7.76 26.80 2.01
N ILE A 87 -7.60 26.57 0.71
CA ILE A 87 -7.21 27.64 -0.21
C ILE A 87 -8.47 28.41 -0.58
N ALA A 88 -8.93 29.23 0.36
CA ALA A 88 -10.14 30.04 0.21
C ALA A 88 -10.17 31.09 1.32
N PRO A 89 -10.85 32.21 1.11
CA PRO A 89 -10.89 33.25 2.14
C PRO A 89 -11.55 32.77 3.43
N GLY A 90 -11.06 33.29 4.55
CA GLY A 90 -11.63 32.98 5.85
C GLY A 90 -11.53 31.54 6.27
N GLN A 91 -10.51 30.82 5.83
CA GLN A 91 -10.32 29.42 6.18
C GLN A 91 -9.15 29.25 7.14
N THR A 92 -9.20 28.18 7.92
CA THR A 92 -8.13 27.85 8.87
C THR A 92 -7.63 26.44 8.58
N GLY A 93 -6.51 26.10 9.21
CA GLY A 93 -5.89 24.81 9.00
C GLY A 93 -4.37 24.91 8.87
N LYS A 94 -3.70 23.76 8.81
CA LYS A 94 -2.24 23.79 8.73
C LYS A 94 -1.75 24.52 7.49
N ILE A 95 -2.50 24.48 6.39
CA ILE A 95 -2.08 25.13 5.16
C ILE A 95 -2.41 26.62 5.20
N ALA A 96 -3.66 26.95 5.51
CA ALA A 96 -4.09 28.35 5.49
C ALA A 96 -3.42 29.17 6.57
N ASP A 97 -3.07 28.56 7.70
CA ASP A 97 -2.45 29.30 8.80
C ASP A 97 -0.94 29.41 8.67
N TYR A 98 -0.28 28.35 8.18
CA TYR A 98 1.18 28.28 8.24
C TYR A 98 1.85 28.19 6.88
N ASN A 99 1.11 28.25 5.78
CA ASN A 99 1.73 28.06 4.47
C ASN A 99 1.25 29.09 3.45
N TYR A 100 -0.04 29.10 3.16
CA TYR A 100 -0.60 30.01 2.16
C TYR A 100 -1.94 30.51 2.66
N LYS A 101 -2.03 31.82 2.92
CA LYS A 101 -3.23 32.44 3.47
C LYS A 101 -3.83 33.41 2.46
N LEU A 102 -5.12 33.25 2.19
CA LEU A 102 -5.85 34.19 1.34
C LEU A 102 -6.60 35.20 2.20
N PRO A 103 -6.61 36.47 1.79
CA PRO A 103 -7.32 37.49 2.57
C PRO A 103 -8.82 37.31 2.49
N ASP A 104 -9.53 38.01 3.38
CA ASP A 104 -10.98 37.94 3.39
C ASP A 104 -11.59 38.67 2.20
N ASP A 105 -10.91 39.71 1.70
CA ASP A 105 -11.37 40.47 0.54
C ASP A 105 -10.72 39.99 -0.74
N PHE A 106 -10.56 38.68 -0.88
CA PHE A 106 -9.85 38.12 -2.04
C PHE A 106 -10.65 38.36 -3.32
N THR A 107 -9.96 38.85 -4.34
CA THR A 107 -10.54 39.08 -5.66
C THR A 107 -9.74 38.25 -6.66
N GLY A 108 -10.16 37.01 -6.85
CA GLY A 108 -9.47 36.13 -7.77
C GLY A 108 -10.16 34.80 -7.87
N CYS A 109 -9.41 33.79 -8.32
CA CYS A 109 -9.94 32.46 -8.52
C CYS A 109 -8.96 31.43 -7.97
N VAL A 110 -9.48 30.27 -7.58
CA VAL A 110 -8.68 29.17 -7.04
C VAL A 110 -8.88 27.97 -7.95
N ILE A 111 -7.79 27.49 -8.55
CA ILE A 111 -7.83 26.39 -9.51
C ILE A 111 -6.95 25.27 -8.98
N ALA A 112 -7.47 24.04 -9.01
CA ALA A 112 -6.73 22.89 -8.55
C ALA A 112 -7.14 21.67 -9.35
N TRP A 113 -6.22 20.71 -9.47
CA TRP A 113 -6.50 19.47 -10.17
C TRP A 113 -5.61 18.38 -9.60
N ASN A 114 -6.09 17.14 -9.69
CA ASN A 114 -5.37 16.00 -9.13
C ASN A 114 -4.13 15.70 -9.97
N SER A 115 -2.99 15.53 -9.30
CA SER A 115 -1.73 15.23 -9.93
C SER A 115 -1.06 14.04 -9.27
N ASN A 116 -1.87 13.06 -8.84
CA ASN A 116 -1.32 11.84 -8.26
C ASN A 116 -0.49 11.06 -9.27
N ASN A 117 -0.74 11.27 -10.56
CA ASN A 117 0.05 10.61 -11.59
C ASN A 117 1.43 11.23 -11.76
N LEU A 118 1.62 12.48 -11.37
CA LEU A 118 2.88 13.19 -11.56
C LEU A 118 3.72 13.28 -10.28
N ASP A 119 3.10 13.71 -9.19
CA ASP A 119 3.82 14.02 -7.95
C ASP A 119 3.63 12.91 -6.91
N SER A 120 3.86 11.66 -7.30
CA SER A 120 3.61 10.55 -6.37
C SER A 120 4.45 9.35 -6.81
N LYS A 121 5.56 9.11 -6.09
CA LYS A 121 6.41 7.98 -6.34
C LYS A 121 5.90 6.76 -5.59
N VAL A 122 6.18 5.57 -6.14
CA VAL A 122 5.64 4.34 -5.54
C VAL A 122 6.28 4.09 -4.18
N GLY A 123 7.56 4.38 -4.03
CA GLY A 123 8.18 4.36 -2.73
C GLY A 123 7.88 5.56 -1.86
N GLY A 124 7.12 6.51 -2.38
CA GLY A 124 6.79 7.71 -1.65
C GLY A 124 7.58 8.92 -2.12
N ASN A 125 6.87 9.95 -2.59
CA ASN A 125 7.49 11.20 -2.96
C ASN A 125 7.51 12.10 -1.72
N TYR A 126 8.71 12.48 -1.30
CA TYR A 126 8.88 13.25 -0.07
C TYR A 126 9.45 14.65 -0.32
N ASN A 127 9.58 15.06 -1.58
CA ASN A 127 10.17 16.36 -1.86
C ASN A 127 9.15 17.50 -1.81
N TYR A 128 7.87 17.21 -1.63
CA TYR A 128 6.85 18.23 -1.41
C TYR A 128 6.63 18.36 0.10
N LEU A 129 6.84 19.56 0.62
CA LEU A 129 6.83 19.81 2.05
C LEU A 129 5.74 20.81 2.41
N TYR A 130 5.48 20.91 3.72
CA TYR A 130 4.59 21.93 4.25
C TYR A 130 5.08 22.30 5.65
N ARG A 131 4.74 23.52 6.07
CA ARG A 131 5.14 24.01 7.38
C ARG A 131 4.16 23.51 8.42
N LEU A 132 4.67 22.74 9.40
CA LEU A 132 3.83 22.15 10.42
C LEU A 132 3.81 22.94 11.72
N PHE A 133 4.84 23.75 11.99
CA PHE A 133 4.96 24.49 13.23
C PHE A 133 5.12 25.97 12.94
N ARG A 134 4.31 26.79 13.61
CA ARG A 134 4.47 28.24 13.58
C ARG A 134 3.74 28.83 14.77
N LYS A 135 4.38 29.80 15.42
CA LYS A 135 3.83 30.39 16.65
C LYS A 135 2.53 31.14 16.36
N SER A 136 2.46 31.85 15.23
CA SER A 136 1.28 32.60 14.84
C SER A 136 0.99 32.34 13.37
N ASN A 137 -0.19 32.74 12.93
CA ASN A 137 -0.63 32.49 11.57
C ASN A 137 0.05 33.45 10.59
N LEU A 138 -0.01 33.10 9.31
CA LEU A 138 0.55 33.93 8.26
C LEU A 138 -0.43 35.04 7.88
N LYS A 139 0.12 36.21 7.58
CA LYS A 139 -0.67 37.26 6.97
C LYS A 139 -1.00 36.86 5.53
N PRO A 140 -2.04 37.44 4.94
CA PRO A 140 -2.38 37.11 3.56
C PRO A 140 -1.20 37.34 2.62
N PHE A 141 -0.94 36.33 1.77
CA PHE A 141 0.13 36.37 0.79
C PHE A 141 1.51 36.53 1.44
N GLU A 142 1.70 35.87 2.59
CA GLU A 142 3.00 35.83 3.24
C GLU A 142 3.69 34.50 2.93
N ARG A 143 4.96 34.58 2.58
CA ARG A 143 5.75 33.41 2.18
C ARG A 143 6.87 33.23 3.21
N ASP A 144 6.61 32.38 4.20
CA ASP A 144 7.60 32.06 5.22
C ASP A 144 8.37 30.83 4.76
N ILE A 145 9.69 30.96 4.68
CA ILE A 145 10.54 29.86 4.20
C ILE A 145 11.66 29.63 5.21
N SER A 146 11.41 29.96 6.47
CA SER A 146 12.42 29.79 7.50
C SER A 146 12.65 28.32 7.81
N THR A 147 13.92 27.95 7.96
CA THR A 147 14.31 26.62 8.39
C THR A 147 14.74 26.58 9.85
N GLU A 148 14.44 27.63 10.61
CA GLU A 148 14.84 27.69 12.01
C GLU A 148 14.09 26.64 12.82
N ILE A 149 14.82 26.00 13.75
CA ILE A 149 14.21 24.96 14.58
C ILE A 149 13.13 25.58 15.46
N TYR A 150 12.02 24.87 15.61
CA TYR A 150 10.86 25.36 16.35
C TYR A 150 11.04 25.05 17.83
N GLN A 151 11.04 26.11 18.66
CA GLN A 151 11.24 25.96 20.10
C GLN A 151 9.87 25.81 20.76
N ALA A 152 9.48 24.57 21.04
CA ALA A 152 8.19 24.28 21.65
C ALA A 152 8.25 24.18 23.17
N GLY A 153 9.44 24.18 23.77
CA GLY A 153 9.60 24.04 25.19
C GLY A 153 10.09 25.33 25.86
N SER A 154 10.40 25.19 27.15
CA SER A 154 10.89 26.32 27.92
C SER A 154 12.34 26.66 27.58
N THR A 155 13.17 25.62 27.29
CA THR A 155 14.59 25.78 26.98
C THR A 155 14.78 26.07 25.49
N PRO A 156 15.81 26.84 25.13
CA PRO A 156 16.06 27.14 23.72
C PRO A 156 16.75 25.98 23.01
N CYS A 157 16.76 26.07 21.68
CA CYS A 157 17.26 25.01 20.83
C CYS A 157 18.69 25.25 20.34
N ASN A 158 19.01 26.48 19.94
CA ASN A 158 20.32 26.84 19.39
C ASN A 158 20.68 25.94 18.21
N GLY A 159 19.70 25.71 17.33
CA GLY A 159 19.92 24.89 16.15
C GLY A 159 20.25 23.44 16.46
N VAL A 160 19.71 22.90 17.54
CA VAL A 160 19.95 21.51 17.93
C VAL A 160 18.59 20.81 17.95
N GLU A 161 18.21 20.23 16.82
CA GLU A 161 16.94 19.52 16.70
C GLU A 161 16.83 18.42 17.77
N GLY A 162 15.74 18.43 18.52
CA GLY A 162 15.57 17.45 19.57
C GLY A 162 14.23 17.61 20.26
N PHE A 163 14.18 17.18 21.52
CA PHE A 163 12.94 17.27 22.29
C PHE A 163 12.54 18.73 22.48
N ASN A 164 11.25 19.02 22.26
CA ASN A 164 10.72 20.38 22.31
C ASN A 164 11.46 21.33 21.36
N CYS A 165 12.12 20.77 20.32
CA CYS A 165 12.95 21.51 19.38
C CYS A 165 12.90 20.76 18.04
N TYR A 166 11.87 21.04 17.26
CA TYR A 166 11.57 20.26 16.08
C TYR A 166 11.79 21.08 14.81
N PHE A 167 12.15 20.37 13.75
CA PHE A 167 12.25 21.00 12.44
C PHE A 167 10.86 21.48 12.03
N PRO A 168 10.71 22.74 11.61
CA PRO A 168 9.35 23.28 11.41
C PRO A 168 8.61 22.69 10.22
N LEU A 169 9.30 22.04 9.29
CA LEU A 169 8.68 21.53 8.09
C LEU A 169 8.42 20.02 8.20
N GLN A 170 7.35 19.59 7.53
CA GLN A 170 6.99 18.18 7.46
C GLN A 170 6.85 17.79 6.00
N SER A 171 7.07 16.51 5.71
CA SER A 171 7.11 16.02 4.34
C SER A 171 5.82 15.28 4.00
N TYR A 172 5.29 15.55 2.80
CA TYR A 172 4.14 14.81 2.32
C TYR A 172 4.54 13.38 1.96
N GLY A 173 3.68 12.43 2.31
CA GLY A 173 3.91 11.04 1.94
C GLY A 173 3.10 10.65 0.73
N PHE A 174 3.45 11.21 -0.43
CA PHE A 174 2.67 11.02 -1.65
C PHE A 174 3.00 9.68 -2.29
N GLN A 175 2.16 8.68 -2.02
CA GLN A 175 2.20 7.37 -2.66
C GLN A 175 0.96 7.20 -3.54
N PRO A 176 1.09 6.54 -4.69
CA PRO A 176 -0.08 6.39 -5.58
C PRO A 176 -1.18 5.53 -4.99
N THR A 177 -0.89 4.78 -3.94
CA THR A 177 -1.90 3.97 -3.26
C THR A 177 -2.73 4.79 -2.27
N ASN A 178 -2.47 6.09 -2.14
CA ASN A 178 -3.18 6.91 -1.17
C ASN A 178 -4.59 7.23 -1.65
N GLY A 179 -5.44 7.60 -0.70
CA GLY A 179 -6.77 8.06 -1.04
C GLY A 179 -6.75 9.41 -1.71
N VAL A 180 -7.92 9.78 -2.26
CA VAL A 180 -8.03 11.02 -3.03
C VAL A 180 -7.65 12.22 -2.16
N GLY A 181 -8.10 12.24 -0.91
CA GLY A 181 -7.77 13.33 -0.01
C GLY A 181 -6.29 13.44 0.29
N TYR A 182 -5.53 12.37 0.10
CA TYR A 182 -4.09 12.37 0.36
C TYR A 182 -3.27 12.39 -0.91
N GLN A 183 -3.91 12.42 -2.08
CA GLN A 183 -3.18 12.52 -3.33
C GLN A 183 -2.78 13.97 -3.59
N PRO A 184 -1.66 14.19 -4.27
CA PRO A 184 -1.21 15.56 -4.51
C PRO A 184 -2.10 16.29 -5.52
N TYR A 185 -2.42 17.54 -5.20
CA TYR A 185 -3.22 18.39 -6.06
C TYR A 185 -2.41 19.64 -6.40
N ARG A 186 -2.26 19.92 -7.69
CA ARG A 186 -1.55 21.10 -8.15
C ARG A 186 -2.52 22.28 -8.17
N VAL A 187 -2.21 23.31 -7.38
CA VAL A 187 -3.10 24.44 -7.18
C VAL A 187 -2.49 25.67 -7.84
N VAL A 188 -3.32 26.45 -8.53
CA VAL A 188 -2.94 27.73 -9.09
C VAL A 188 -3.95 28.77 -8.62
N VAL A 189 -3.46 29.81 -7.98
CA VAL A 189 -4.31 30.86 -7.42
C VAL A 189 -4.03 32.15 -8.19
N LEU A 190 -5.06 32.66 -8.87
CA LEU A 190 -4.93 33.90 -9.64
C LEU A 190 -5.38 35.08 -8.80
N SER A 191 -4.51 36.09 -8.70
CA SER A 191 -4.80 37.30 -7.94
C SER A 191 -4.93 38.46 -8.92
N PHE A 192 -6.13 39.03 -8.99
CA PHE A 192 -6.40 40.14 -9.89
C PHE A 192 -6.27 41.45 -9.12
N GLU A 193 -5.26 42.24 -9.48
CA GLU A 193 -4.96 43.49 -8.78
C GLU A 193 -5.34 44.71 -9.62
N PRO A 198 -0.95 51.87 -14.72
CA PRO A 198 -1.62 51.59 -15.99
C PRO A 198 -1.96 50.10 -16.16
N ALA A 199 -3.17 49.82 -16.63
CA ALA A 199 -3.60 48.43 -16.83
C ALA A 199 -2.79 47.78 -17.94
N THR A 200 -2.35 46.55 -17.69
CA THR A 200 -1.49 45.83 -18.63
C THR A 200 -1.98 44.43 -18.97
N VAL A 201 -3.00 43.90 -18.29
CA VAL A 201 -3.52 42.56 -18.55
C VAL A 201 -5.00 42.70 -18.84
N CYS A 202 -5.38 42.51 -20.09
CA CYS A 202 -6.77 42.55 -20.53
C CYS A 202 -7.14 41.23 -21.21
N GLY A 203 -8.31 41.20 -21.84
CA GLY A 203 -8.76 40.01 -22.55
C GLY A 203 -9.05 40.28 -24.01
N GLU B 1 10.70 17.99 33.80
CA GLU B 1 9.54 17.39 34.44
C GLU B 1 8.29 17.62 33.58
N VAL B 2 8.09 16.74 32.60
CA VAL B 2 6.96 16.86 31.68
C VAL B 2 5.74 16.21 32.32
N GLN B 3 4.65 16.97 32.43
CA GLN B 3 3.41 16.50 33.04
C GLN B 3 2.30 17.54 32.90
N LEU B 4 1.06 17.07 32.83
CA LEU B 4 -0.11 17.95 32.75
C LEU B 4 -0.95 17.74 34.00
N LEU B 5 -1.12 18.79 34.79
CA LEU B 5 -1.98 18.76 35.97
C LEU B 5 -3.23 19.56 35.69
N GLU B 6 -4.38 18.94 35.91
CA GLU B 6 -5.67 19.52 35.54
C GLU B 6 -6.60 19.48 36.74
N SER B 7 -7.48 20.49 36.82
CA SER B 7 -8.42 20.61 37.92
C SER B 7 -9.64 21.39 37.45
N GLY B 8 -10.61 21.53 38.35
CA GLY B 8 -11.81 22.31 38.09
C GLY B 8 -13.08 21.51 37.92
N GLY B 9 -13.01 20.19 37.98
CA GLY B 9 -14.21 19.38 37.79
C GLY B 9 -15.03 19.23 39.06
N GLY B 10 -16.32 19.00 38.86
CA GLY B 10 -17.22 18.82 39.99
C GLY B 10 -18.65 18.74 39.52
N LEU B 11 -19.56 18.88 40.47
CA LEU B 11 -21.00 18.83 40.20
C LEU B 11 -21.49 20.18 39.71
N ILE B 12 -22.44 20.15 38.76
CA ILE B 12 -23.02 21.36 38.21
C ILE B 12 -24.38 21.03 37.63
N GLN B 13 -25.35 21.90 37.87
CA GLN B 13 -26.70 21.68 37.38
C GLN B 13 -26.73 21.80 35.85
N PRO B 14 -27.65 21.08 35.20
CA PRO B 14 -27.74 21.17 33.73
C PRO B 14 -28.00 22.61 33.28
N GLY B 15 -27.41 22.96 32.14
CA GLY B 15 -27.44 24.32 31.65
C GLY B 15 -26.45 25.25 32.30
N GLY B 16 -25.81 24.83 33.39
CA GLY B 16 -24.83 25.65 34.07
C GLY B 16 -23.51 25.71 33.31
N SER B 17 -22.53 26.34 33.96
CA SER B 17 -21.21 26.51 33.37
C SER B 17 -20.15 25.95 34.29
N LEU B 18 -18.99 25.64 33.71
CA LEU B 18 -17.84 25.13 34.46
C LEU B 18 -16.57 25.24 33.63
N ARG B 19 -15.52 25.81 34.20
CA ARG B 19 -14.24 25.95 33.51
C ARG B 19 -13.23 24.97 34.07
N LEU B 20 -12.49 24.32 33.18
CA LEU B 20 -11.48 23.33 33.53
C LEU B 20 -10.10 23.87 33.18
N SER B 21 -9.22 23.97 34.17
CA SER B 21 -7.88 24.51 33.98
C SER B 21 -6.87 23.36 33.94
N CYS B 22 -5.96 23.43 32.98
CA CYS B 22 -4.92 22.42 32.78
C CYS B 22 -3.57 23.11 32.73
N ALA B 23 -2.84 23.08 33.85
CA ALA B 23 -1.53 23.69 33.94
C ALA B 23 -0.45 22.73 33.43
N ALA B 24 0.54 23.28 32.73
CA ALA B 24 1.56 22.48 32.08
C ALA B 24 2.94 22.79 32.66
N SER B 25 3.83 21.80 32.53
CA SER B 25 5.22 21.97 32.94
C SER B 25 6.09 21.12 32.02
N GLY B 26 7.17 21.71 31.53
CA GLY B 26 8.08 21.05 30.63
C GLY B 26 8.00 21.49 29.20
N PHE B 27 6.96 22.24 28.83
CA PHE B 27 6.81 22.73 27.46
C PHE B 27 5.88 23.93 27.48
N THR B 28 5.85 24.64 26.35
CA THR B 28 5.05 25.85 26.20
C THR B 28 3.71 25.50 25.55
N VAL B 29 2.62 25.92 26.19
CA VAL B 29 1.29 25.61 25.66
C VAL B 29 1.01 26.45 24.42
N SER B 30 1.40 27.72 24.42
CA SER B 30 1.15 28.61 23.30
C SER B 30 1.91 28.24 22.04
N SER B 31 2.79 27.23 22.10
CA SER B 31 3.57 26.82 20.95
C SER B 31 3.23 25.41 20.48
N ASN B 32 2.30 24.73 21.14
CA ASN B 32 2.01 23.33 20.84
C ASN B 32 0.55 23.14 20.47
N TYR B 33 0.27 21.98 19.89
CA TYR B 33 -1.09 21.54 19.65
C TYR B 33 -1.64 20.91 20.93
N MET B 34 -2.71 21.48 21.47
CA MET B 34 -3.32 21.00 22.70
C MET B 34 -4.72 20.50 22.40
N SER B 35 -5.18 19.53 23.19
CA SER B 35 -6.48 18.91 22.94
C SER B 35 -7.13 18.50 24.24
N TRP B 36 -8.45 18.59 24.28
CA TRP B 36 -9.27 18.03 25.35
C TRP B 36 -9.95 16.77 24.83
N VAL B 37 -9.92 15.71 25.64
CA VAL B 37 -10.54 14.43 25.30
C VAL B 37 -11.28 13.93 26.52
N ARG B 38 -12.57 13.63 26.37
CA ARG B 38 -13.40 13.16 27.47
C ARG B 38 -13.77 11.70 27.28
N GLN B 39 -13.99 11.01 28.40
CA GLN B 39 -14.34 9.60 28.40
C GLN B 39 -15.53 9.41 29.33
N ALA B 40 -16.68 9.06 28.74
CA ALA B 40 -17.86 8.77 29.54
C ALA B 40 -17.60 7.54 30.41
N PRO B 41 -18.26 7.45 31.57
CA PRO B 41 -18.06 6.27 32.44
C PRO B 41 -18.43 4.98 31.72
N GLY B 42 -17.46 4.08 31.62
CA GLY B 42 -17.65 2.80 30.97
C GLY B 42 -17.61 2.83 29.46
N LYS B 43 -17.61 4.01 28.84
CA LYS B 43 -17.59 4.12 27.39
C LYS B 43 -16.17 4.38 26.91
N GLY B 44 -16.04 4.55 25.60
CA GLY B 44 -14.76 4.81 24.97
C GLY B 44 -14.35 6.27 25.10
N LEU B 45 -13.38 6.64 24.28
CA LEU B 45 -12.84 7.99 24.28
C LEU B 45 -13.52 8.83 23.21
N GLU B 46 -13.61 10.14 23.46
CA GLU B 46 -14.29 11.07 22.57
C GLU B 46 -13.50 12.36 22.49
N TRP B 47 -13.04 12.70 21.29
CA TRP B 47 -12.33 13.96 21.10
C TRP B 47 -13.28 15.13 21.26
N VAL B 48 -12.77 16.23 21.82
CA VAL B 48 -13.61 17.38 22.15
C VAL B 48 -13.19 18.61 21.35
N SER B 49 -11.96 19.09 21.58
CA SER B 49 -11.53 20.34 20.97
C SER B 49 -10.02 20.33 20.77
N VAL B 50 -9.57 21.26 19.92
CA VAL B 50 -8.16 21.42 19.58
C VAL B 50 -7.87 22.91 19.43
N ILE B 51 -6.71 23.34 19.94
CA ILE B 51 -6.15 24.64 19.61
C ILE B 51 -4.79 24.42 18.96
N TYR B 52 -4.56 25.08 17.84
CA TYR B 52 -3.30 24.94 17.12
C TYR B 52 -2.22 25.78 17.79
N SER B 53 -0.98 25.60 17.30
CA SER B 53 0.12 26.44 17.76
C SER B 53 -0.10 27.90 17.36
N GLY B 54 -0.68 28.12 16.17
CA GLY B 54 -0.98 29.47 15.73
C GLY B 54 -2.19 30.08 16.39
N GLY B 55 -3.06 29.26 16.97
CA GLY B 55 -4.23 29.74 17.69
C GLY B 55 -5.56 29.28 17.13
N SER B 56 -5.58 28.57 16.00
CA SER B 56 -6.84 28.13 15.42
C SER B 56 -7.50 27.10 16.32
N THR B 57 -8.79 27.27 16.57
CA THR B 57 -9.55 26.39 17.45
C THR B 57 -10.54 25.56 16.65
N TYR B 58 -10.66 24.28 17.01
CA TYR B 58 -11.59 23.35 16.39
C TYR B 58 -12.36 22.61 17.47
N TYR B 59 -13.63 22.36 17.21
CA TYR B 59 -14.51 21.73 18.20
C TYR B 59 -15.30 20.61 17.55
N ALA B 60 -15.72 19.65 18.38
CA ALA B 60 -16.56 18.56 17.90
C ALA B 60 -17.99 19.06 17.67
N ASP B 61 -18.75 18.27 16.92
CA ASP B 61 -20.11 18.65 16.58
C ASP B 61 -21.00 18.71 17.82
N SER B 62 -20.72 17.87 18.82
CA SER B 62 -21.61 17.72 19.97
C SER B 62 -21.41 18.81 21.01
N VAL B 63 -20.37 19.63 20.92
CA VAL B 63 -20.12 20.68 21.89
C VAL B 63 -19.87 22.01 21.18
N LYS B 64 -20.04 22.03 19.85
CA LYS B 64 -19.80 23.25 19.09
C LYS B 64 -20.81 24.32 19.50
N GLY B 65 -20.31 25.54 19.72
CA GLY B 65 -21.13 26.63 20.18
C GLY B 65 -21.32 26.71 21.68
N ARG B 66 -21.13 25.60 22.40
CA ARG B 66 -21.26 25.56 23.85
C ARG B 66 -19.92 25.58 24.56
N PHE B 67 -18.94 24.84 24.08
CA PHE B 67 -17.62 24.79 24.70
C PHE B 67 -16.67 25.76 24.00
N THR B 68 -15.68 26.23 24.76
CA THR B 68 -14.64 27.10 24.24
C THR B 68 -13.31 26.70 24.85
N ILE B 69 -12.25 26.79 24.05
CA ILE B 69 -10.91 26.43 24.49
C ILE B 69 -10.01 27.66 24.34
N SER B 70 -9.15 27.88 25.32
CA SER B 70 -8.22 28.99 25.29
C SER B 70 -6.98 28.63 26.12
N ARG B 71 -6.05 29.57 26.22
CA ARG B 71 -4.82 29.34 26.94
C ARG B 71 -4.26 30.67 27.43
N ASP B 72 -3.37 30.58 28.42
CA ASP B 72 -2.75 31.75 29.02
C ASP B 72 -1.24 31.56 28.99
N ASN B 73 -0.54 32.43 28.27
CA ASN B 73 0.91 32.27 28.12
C ASN B 73 1.64 32.55 29.42
N SER B 74 1.18 33.53 30.20
CA SER B 74 1.88 33.89 31.42
C SER B 74 1.81 32.78 32.46
N LYS B 75 0.74 32.00 32.47
CA LYS B 75 0.56 30.93 33.44
C LYS B 75 0.86 29.55 32.87
N ASN B 76 1.01 29.43 31.56
CA ASN B 76 1.20 28.15 30.87
C ASN B 76 0.09 27.17 31.27
N THR B 77 -1.14 27.56 30.93
CA THR B 77 -2.32 26.83 31.35
C THR B 77 -3.31 26.74 30.20
N LEU B 78 -3.86 25.55 30.00
CA LEU B 78 -4.90 25.33 29.00
C LEU B 78 -6.26 25.31 29.66
N TYR B 79 -7.22 26.00 29.07
CA TYR B 79 -8.56 26.13 29.63
C TYR B 79 -9.60 25.51 28.71
N LEU B 80 -10.76 25.20 29.28
CA LEU B 80 -11.89 24.68 28.52
C LEU B 80 -13.16 25.22 29.16
N GLN B 81 -13.68 26.32 28.62
CA GLN B 81 -14.92 26.91 29.13
C GLN B 81 -16.11 26.11 28.62
N MET B 82 -16.93 25.64 29.55
CA MET B 82 -18.10 24.82 29.23
C MET B 82 -19.35 25.58 29.64
N ASN B 83 -20.28 25.74 28.70
CA ASN B 83 -21.52 26.45 28.93
C ASN B 83 -22.69 25.63 28.41
N SER B 84 -23.87 25.89 28.97
CA SER B 84 -25.09 25.17 28.63
C SER B 84 -24.88 23.66 28.78
N LEU B 85 -24.35 23.27 29.93
CA LEU B 85 -23.98 21.89 30.16
C LEU B 85 -25.22 20.99 30.20
N ARG B 86 -25.07 19.79 29.64
CA ARG B 86 -26.13 18.81 29.58
C ARG B 86 -25.72 17.56 30.35
N ALA B 87 -26.70 16.69 30.60
CA ALA B 87 -26.42 15.46 31.35
C ALA B 87 -25.44 14.57 30.60
N GLU B 88 -25.48 14.59 29.27
CA GLU B 88 -24.57 13.76 28.46
C GLU B 88 -23.15 14.32 28.41
N ASP B 89 -22.88 15.42 29.10
CA ASP B 89 -21.53 15.95 29.21
C ASP B 89 -20.76 15.38 30.40
N THR B 90 -21.39 14.51 31.18
CA THR B 90 -20.74 13.93 32.35
C THR B 90 -19.68 12.93 31.91
N ALA B 91 -18.41 13.24 32.22
CA ALA B 91 -17.29 12.38 31.84
C ALA B 91 -16.04 12.88 32.55
N VAL B 92 -14.97 12.10 32.39
CA VAL B 92 -13.63 12.50 32.81
C VAL B 92 -12.99 13.27 31.66
N TYR B 93 -12.35 14.39 31.98
CA TYR B 93 -11.86 15.32 30.95
C TYR B 93 -10.34 15.39 30.99
N TYR B 94 -9.69 14.57 30.16
CA TYR B 94 -8.24 14.60 30.04
C TYR B 94 -7.80 15.74 29.13
N CYS B 95 -6.78 16.46 29.56
CA CYS B 95 -6.08 17.40 28.70
C CYS B 95 -4.77 16.76 28.25
N ALA B 96 -4.47 16.86 26.96
CA ALA B 96 -3.32 16.17 26.40
C ALA B 96 -2.59 17.05 25.40
N ARG B 97 -1.26 17.02 25.48
CA ARG B 97 -0.43 17.59 24.43
C ARG B 97 -0.48 16.66 23.22
N ASP B 98 -1.15 17.09 22.16
CA ASP B 98 -1.37 16.23 21.00
C ASP B 98 -0.06 15.70 20.45
N HIS B 99 -0.06 14.41 20.12
CA HIS B 99 1.07 13.82 19.41
C HIS B 99 1.21 14.46 18.05
N VAL B 100 2.43 14.91 17.73
CA VAL B 100 2.73 15.46 16.42
C VAL B 100 4.01 14.81 15.91
N ARG B 101 4.86 14.37 16.83
CA ARG B 101 6.19 13.90 16.48
C ARG B 101 6.68 12.97 17.58
N PRO B 102 7.72 12.13 17.29
CA PRO B 102 8.22 11.11 18.22
C PRO B 102 7.62 11.03 19.62
N GLY B 103 8.14 11.81 20.56
CA GLY B 103 7.82 11.58 21.96
C GLY B 103 7.30 12.78 22.72
N MET B 104 6.33 13.48 22.15
CA MET B 104 5.74 14.65 22.78
C MET B 104 4.31 14.42 23.23
N ASN B 105 3.76 13.22 23.06
CA ASN B 105 2.39 12.94 23.47
C ASN B 105 2.36 12.68 24.96
N ILE B 106 1.68 13.56 25.69
CA ILE B 106 1.50 13.45 27.14
C ILE B 106 0.05 13.77 27.47
N TRP B 107 -0.58 12.91 28.25
CA TRP B 107 -1.95 13.09 28.68
C TRP B 107 -1.99 13.54 30.13
N GLY B 108 -2.96 14.38 30.47
CA GLY B 108 -3.25 14.64 31.85
C GLY B 108 -3.91 13.44 32.50
N GLN B 109 -4.45 13.67 33.69
CA GLN B 109 -5.18 12.64 34.38
C GLN B 109 -6.68 12.87 34.41
N GLY B 110 -7.15 14.02 33.94
CA GLY B 110 -8.56 14.29 33.82
C GLY B 110 -9.20 14.63 35.15
N THR B 111 -10.36 15.28 35.05
CA THR B 111 -11.18 15.59 36.21
C THR B 111 -12.60 15.11 35.94
N MET B 112 -13.34 14.86 37.02
CA MET B 112 -14.69 14.32 36.92
C MET B 112 -15.69 15.47 36.92
N VAL B 113 -16.31 15.72 35.76
CA VAL B 113 -17.41 16.65 35.64
C VAL B 113 -18.70 15.86 35.68
N THR B 114 -19.54 16.13 36.69
CA THR B 114 -20.80 15.43 36.88
C THR B 114 -21.94 16.43 36.75
N VAL B 115 -22.60 16.44 35.59
CA VAL B 115 -23.72 17.33 35.34
C VAL B 115 -24.99 16.66 35.88
N SER B 116 -25.49 17.18 37.00
CA SER B 116 -26.70 16.64 37.62
C SER B 116 -27.32 17.74 38.46
N SER B 117 -28.58 17.52 38.84
CA SER B 117 -29.33 18.48 39.64
C SER B 117 -29.38 18.13 41.11
N ALA B 118 -28.99 16.91 41.49
CA ALA B 118 -28.99 16.52 42.89
C ALA B 118 -27.90 17.26 43.66
N SER B 119 -28.05 17.30 44.97
CA SER B 119 -27.10 17.98 45.83
C SER B 119 -25.89 17.08 46.10
N THR B 120 -24.89 17.65 46.77
CA THR B 120 -23.68 16.93 47.13
C THR B 120 -23.80 16.41 48.55
N LYS B 121 -23.45 15.15 48.76
CA LYS B 121 -23.49 14.54 50.09
C LYS B 121 -22.19 13.79 50.35
N GLY B 122 -21.57 14.06 51.49
CA GLY B 122 -20.41 13.33 51.93
C GLY B 122 -20.78 11.93 52.37
N PRO B 123 -19.89 10.97 52.15
CA PRO B 123 -20.20 9.58 52.48
C PRO B 123 -20.11 9.31 53.97
N SER B 124 -20.75 8.22 54.37
CA SER B 124 -20.60 7.67 55.71
C SER B 124 -19.71 6.44 55.62
N VAL B 125 -18.70 6.38 56.48
CA VAL B 125 -17.71 5.30 56.46
C VAL B 125 -17.96 4.40 57.65
N PHE B 126 -18.23 3.12 57.37
CA PHE B 126 -18.47 2.13 58.40
C PHE B 126 -17.42 1.02 58.32
N PRO B 127 -16.99 0.49 59.46
CA PRO B 127 -15.96 -0.55 59.45
C PRO B 127 -16.51 -1.93 59.12
N LEU B 128 -15.69 -2.72 58.45
CA LEU B 128 -15.97 -4.11 58.15
C LEU B 128 -15.01 -4.94 59.00
N ALA B 129 -15.47 -5.37 60.17
CA ALA B 129 -14.59 -5.98 61.15
C ALA B 129 -14.22 -7.40 60.72
N PRO B 130 -12.99 -7.84 60.98
CA PRO B 130 -12.60 -9.20 60.59
C PRO B 130 -13.24 -10.23 61.51
N SER B 131 -13.44 -11.42 60.96
CA SER B 131 -14.01 -12.52 61.73
C SER B 131 -13.07 -12.90 62.86
N THR B 135 -13.43 -16.85 61.29
CA THR B 135 -12.21 -16.79 62.09
C THR B 135 -11.20 -17.84 61.63
N SER B 136 -11.12 -18.07 60.32
CA SER B 136 -10.25 -19.12 59.80
C SER B 136 -8.78 -18.80 60.11
N GLY B 137 -8.07 -19.80 60.60
CA GLY B 137 -6.75 -19.68 61.20
C GLY B 137 -5.77 -18.67 60.63
N GLY B 138 -5.35 -18.88 59.38
CA GLY B 138 -4.19 -18.19 58.86
C GLY B 138 -4.39 -16.76 58.39
N THR B 139 -5.38 -16.54 57.52
CA THR B 139 -5.56 -15.25 56.86
C THR B 139 -6.91 -14.66 57.24
N ALA B 140 -6.96 -13.34 57.32
CA ALA B 140 -8.17 -12.62 57.70
C ALA B 140 -8.46 -11.52 56.69
N ALA B 141 -9.70 -11.05 56.70
CA ALA B 141 -10.16 -10.02 55.79
C ALA B 141 -10.86 -8.90 56.56
N LEU B 142 -10.66 -7.67 56.12
CA LEU B 142 -11.28 -6.51 56.73
C LEU B 142 -11.34 -5.39 55.70
N GLY B 143 -12.22 -4.43 55.95
CA GLY B 143 -12.39 -3.35 54.99
C GLY B 143 -13.23 -2.22 55.54
N CYS B 144 -13.65 -1.34 54.63
CA CYS B 144 -14.46 -0.18 54.94
C CYS B 144 -15.58 -0.03 53.93
N LEU B 145 -16.76 0.30 54.41
CA LEU B 145 -17.92 0.56 53.57
C LEU B 145 -18.07 2.06 53.37
N VAL B 146 -18.04 2.51 52.13
CA VAL B 146 -18.22 3.91 51.76
C VAL B 146 -19.59 4.01 51.12
N LYS B 147 -20.59 4.39 51.91
CA LYS B 147 -21.99 4.30 51.51
C LYS B 147 -22.62 5.68 51.45
N ASP B 148 -23.52 5.86 50.48
CA ASP B 148 -24.36 7.05 50.35
C ASP B 148 -23.53 8.32 50.18
N TYR B 149 -23.05 8.57 48.97
CA TYR B 149 -22.38 9.81 48.62
C TYR B 149 -22.69 10.16 47.18
N PHE B 150 -22.41 11.40 46.83
CA PHE B 150 -22.63 11.92 45.48
C PHE B 150 -21.95 13.28 45.36
N PRO B 151 -21.28 13.57 44.23
CA PRO B 151 -21.13 12.65 43.09
C PRO B 151 -19.82 11.87 43.14
N GLU B 152 -19.53 11.17 42.05
CA GLU B 152 -18.26 10.48 41.92
C GLU B 152 -17.13 11.49 41.77
N PRO B 153 -15.90 11.13 42.17
CA PRO B 153 -15.54 9.88 42.85
C PRO B 153 -15.06 10.06 44.29
N VAL B 154 -14.63 8.97 44.91
CA VAL B 154 -13.96 9.00 46.20
C VAL B 154 -12.67 8.20 46.07
N THR B 155 -11.70 8.54 46.92
CA THR B 155 -10.43 7.86 46.98
C THR B 155 -10.25 7.23 48.35
N VAL B 156 -9.78 5.99 48.39
CA VAL B 156 -9.63 5.23 49.62
C VAL B 156 -8.24 4.61 49.66
N SER B 157 -7.53 4.83 50.76
CA SER B 157 -6.26 4.16 51.02
C SER B 157 -6.27 3.56 52.41
N TRP B 158 -5.13 3.04 52.87
CA TRP B 158 -5.05 2.38 54.16
C TRP B 158 -3.76 2.76 54.88
N ASN B 159 -3.89 3.09 56.17
CA ASN B 159 -2.75 3.43 57.02
C ASN B 159 -1.95 4.58 56.44
N SER B 160 -2.65 5.54 55.81
CA SER B 160 -2.03 6.69 55.15
C SER B 160 -1.05 6.23 54.07
N GLY B 161 -1.54 5.36 53.18
CA GLY B 161 -0.74 4.85 52.09
C GLY B 161 0.32 3.83 52.46
N ALA B 162 0.44 3.48 53.75
CA ALA B 162 1.43 2.52 54.19
C ALA B 162 1.03 1.07 53.90
N LEU B 163 -0.12 0.85 53.27
CA LEU B 163 -0.58 -0.51 52.96
C LEU B 163 -1.09 -0.53 51.52
N THR B 164 -0.47 -1.35 50.68
CA THR B 164 -0.85 -1.42 49.27
C THR B 164 -1.12 -2.86 48.86
N SER B 165 -0.37 -3.81 49.42
CA SER B 165 -0.48 -5.20 49.01
C SER B 165 -1.77 -5.82 49.55
N GLY B 166 -2.43 -6.58 48.68
CA GLY B 166 -3.65 -7.29 49.06
C GLY B 166 -4.88 -6.44 49.15
N VAL B 167 -4.84 -5.20 48.71
CA VAL B 167 -5.97 -4.28 48.80
C VAL B 167 -6.81 -4.37 47.55
N HIS B 168 -8.13 -4.41 47.72
CA HIS B 168 -9.07 -4.39 46.61
C HIS B 168 -10.15 -3.36 46.91
N THR B 169 -10.22 -2.32 46.09
CA THR B 169 -11.25 -1.29 46.21
C THR B 169 -12.23 -1.47 45.04
N PHE B 170 -13.48 -1.80 45.36
CA PHE B 170 -14.45 -2.16 44.33
C PHE B 170 -15.04 -0.91 43.67
N PRO B 171 -15.45 -1.02 42.41
CA PRO B 171 -16.16 0.08 41.77
C PRO B 171 -17.46 0.39 42.50
N ALA B 172 -17.78 1.68 42.58
CA ALA B 172 -18.97 2.11 43.30
C ALA B 172 -20.22 1.69 42.54
N VAL B 173 -21.27 1.36 43.30
CA VAL B 173 -22.56 1.00 42.74
C VAL B 173 -23.51 2.17 42.92
N LEU B 174 -24.45 2.31 41.99
CA LEU B 174 -25.46 3.37 42.05
C LEU B 174 -26.73 2.79 42.65
N GLN B 175 -26.98 3.10 43.91
CA GLN B 175 -28.13 2.57 44.61
C GLN B 175 -29.42 3.17 44.06
N SER B 176 -30.55 2.55 44.43
CA SER B 176 -31.85 3.06 44.01
C SER B 176 -32.12 4.46 44.56
N SER B 177 -31.40 4.87 45.59
CA SER B 177 -31.55 6.21 46.17
C SER B 177 -30.85 7.28 45.36
N GLY B 178 -30.12 6.92 44.31
CA GLY B 178 -29.33 7.87 43.55
C GLY B 178 -27.96 8.17 44.12
N LEU B 179 -27.64 7.67 45.31
CA LEU B 179 -26.34 7.86 45.92
C LEU B 179 -25.46 6.64 45.68
N TYR B 180 -24.15 6.85 45.70
CA TYR B 180 -23.19 5.80 45.44
C TYR B 180 -22.77 5.11 46.74
N SER B 181 -22.55 3.80 46.65
CA SER B 181 -22.04 3.00 47.76
C SER B 181 -20.84 2.20 47.28
N LEU B 182 -19.86 2.02 48.14
CA LEU B 182 -18.59 1.43 47.76
C LEU B 182 -17.96 0.75 48.98
N SER B 183 -17.12 -0.25 48.71
CA SER B 183 -16.44 -0.97 49.76
C SER B 183 -15.00 -1.25 49.32
N SER B 184 -14.07 -1.13 50.26
CA SER B 184 -12.65 -1.35 50.00
C SER B 184 -12.10 -2.25 51.10
N VAL B 185 -11.48 -3.37 50.70
CA VAL B 185 -11.05 -4.39 51.64
C VAL B 185 -9.56 -4.69 51.45
N VAL B 186 -9.03 -5.50 52.36
CA VAL B 186 -7.63 -5.92 52.32
C VAL B 186 -7.51 -7.21 53.11
N THR B 187 -6.67 -8.12 52.63
CA THR B 187 -6.42 -9.39 53.29
C THR B 187 -5.09 -9.30 54.05
N VAL B 188 -5.15 -9.47 55.37
CA VAL B 188 -3.98 -9.40 56.23
C VAL B 188 -3.91 -10.70 57.02
N PRO B 189 -2.72 -11.10 57.46
CA PRO B 189 -2.60 -12.30 58.28
C PRO B 189 -3.34 -12.15 59.60
N SER B 190 -3.92 -13.26 60.06
CA SER B 190 -4.75 -13.22 61.26
C SER B 190 -3.96 -12.92 62.51
N SER B 191 -2.63 -13.02 62.47
CA SER B 191 -1.81 -12.77 63.66
C SER B 191 -1.71 -11.29 63.96
N SER B 192 -1.59 -10.45 62.93
CA SER B 192 -1.37 -9.02 63.13
C SER B 192 -2.61 -8.26 63.59
N LEU B 193 -3.71 -8.95 63.89
CA LEU B 193 -4.93 -8.25 64.28
C LEU B 193 -4.79 -7.61 65.65
N GLY B 194 -4.11 -8.28 66.58
CA GLY B 194 -4.02 -7.78 67.94
C GLY B 194 -2.95 -6.74 68.19
N THR B 195 -2.04 -6.52 67.23
CA THR B 195 -0.93 -5.60 67.42
C THR B 195 -0.82 -4.51 66.37
N GLN B 196 -1.36 -4.71 65.17
CA GLN B 196 -1.28 -3.73 64.10
C GLN B 196 -2.63 -3.04 63.94
N THR B 197 -2.61 -1.71 63.82
CA THR B 197 -3.82 -0.92 63.65
C THR B 197 -4.07 -0.66 62.17
N TYR B 198 -5.34 -0.73 61.77
CA TYR B 198 -5.76 -0.56 60.39
C TYR B 198 -6.77 0.58 60.31
N ILE B 199 -6.48 1.58 59.49
CA ILE B 199 -7.34 2.75 59.31
C ILE B 199 -7.48 3.00 57.81
N CYS B 200 -8.72 3.12 57.34
CA CYS B 200 -8.97 3.45 55.94
C CYS B 200 -9.15 4.96 55.81
N ASN B 201 -8.53 5.54 54.79
CA ASN B 201 -8.52 6.98 54.57
C ASN B 201 -9.36 7.27 53.33
N VAL B 202 -10.55 7.84 53.54
CA VAL B 202 -11.48 8.15 52.46
C VAL B 202 -11.48 9.65 52.24
N ASN B 203 -11.52 10.06 50.97
CA ASN B 203 -11.53 11.46 50.58
C ASN B 203 -12.60 11.69 49.52
N HIS B 204 -13.47 12.66 49.76
CA HIS B 204 -14.52 13.04 48.82
C HIS B 204 -14.38 14.53 48.55
N LYS B 205 -13.79 14.87 47.40
CA LYS B 205 -13.52 16.27 47.09
C LYS B 205 -14.78 17.12 46.95
N PRO B 206 -15.84 16.70 46.24
CA PRO B 206 -16.99 17.59 46.06
C PRO B 206 -17.62 18.04 47.37
N SER B 207 -17.56 17.23 48.42
CA SER B 207 -18.09 17.63 49.72
C SER B 207 -16.99 18.06 50.69
N ASN B 208 -15.73 18.09 50.24
CA ASN B 208 -14.61 18.45 51.09
C ASN B 208 -14.57 17.59 52.35
N THR B 209 -14.90 16.31 52.19
CA THR B 209 -14.99 15.37 53.30
C THR B 209 -13.77 14.47 53.30
N LYS B 210 -13.08 14.40 54.44
CA LYS B 210 -11.90 13.56 54.62
C LYS B 210 -12.03 12.83 55.95
N VAL B 211 -12.21 11.51 55.90
CA VAL B 211 -12.53 10.71 57.07
C VAL B 211 -11.46 9.64 57.24
N ASP B 212 -11.10 9.39 58.50
CA ASP B 212 -10.23 8.28 58.87
C ASP B 212 -10.98 7.41 59.87
N LYS B 213 -11.28 6.18 59.48
CA LYS B 213 -12.08 5.26 60.29
C LYS B 213 -11.21 4.08 60.73
N LYS B 214 -11.09 3.89 62.04
CA LYS B 214 -10.33 2.77 62.58
C LYS B 214 -11.18 1.51 62.51
N VAL B 215 -10.59 0.44 61.96
CA VAL B 215 -11.27 -0.84 61.80
C VAL B 215 -10.61 -1.84 62.74
N GLU B 216 -11.40 -2.38 63.66
CA GLU B 216 -10.90 -3.28 64.70
C GLU B 216 -11.86 -4.44 64.89
N PRO B 217 -11.47 -5.51 65.57
CA PRO B 217 -12.36 -6.66 65.72
C PRO B 217 -13.56 -6.36 66.61
N LYS B 218 -14.54 -7.25 66.56
CA LYS B 218 -15.76 -7.15 67.35
C LYS B 218 -15.70 -8.14 68.52
N SER B 219 -16.20 -7.71 69.67
CA SER B 219 -16.25 -8.53 70.86
C SER B 219 -17.20 -7.89 71.87
N CYS B 220 -17.89 -8.73 72.62
CA CYS B 220 -18.79 -8.26 73.67
C CYS B 220 -18.00 -7.70 74.86
N ALA C 1 -17.83 12.48 8.97
CA ALA C 1 -16.77 12.19 9.94
C ALA C 1 -16.34 10.72 9.83
N ILE C 2 -15.04 10.48 10.07
CA ILE C 2 -14.53 9.12 10.03
C ILE C 2 -15.08 8.32 11.20
N ARG C 3 -15.22 7.01 11.00
CA ARG C 3 -15.73 6.11 12.03
C ARG C 3 -14.83 4.89 12.09
N MET C 4 -14.10 4.74 13.20
CA MET C 4 -13.19 3.62 13.39
C MET C 4 -13.93 2.45 14.02
N THR C 5 -13.83 1.29 13.39
CA THR C 5 -14.41 0.05 13.90
C THR C 5 -13.28 -0.86 14.39
N GLN C 6 -13.46 -1.44 15.57
CA GLN C 6 -12.42 -2.18 16.26
C GLN C 6 -12.93 -3.57 16.64
N SER C 7 -12.24 -4.61 16.19
CA SER C 7 -12.58 -5.98 16.51
C SER C 7 -11.36 -6.69 17.11
N PRO C 8 -11.57 -7.54 18.13
CA PRO C 8 -12.87 -7.82 18.74
C PRO C 8 -13.21 -6.84 19.87
N SER C 9 -14.47 -6.86 20.32
CA SER C 9 -14.86 -5.98 21.41
C SER C 9 -14.22 -6.41 22.73
N SER C 10 -14.19 -7.71 23.00
CA SER C 10 -13.55 -8.26 24.18
C SER C 10 -12.62 -9.40 23.76
N LEU C 11 -11.76 -9.81 24.68
CA LEU C 11 -10.74 -10.79 24.36
C LEU C 11 -10.18 -11.40 25.64
N SER C 12 -9.97 -12.72 25.61
CA SER C 12 -9.29 -13.44 26.67
C SER C 12 -8.32 -14.42 26.06
N ALA C 13 -7.07 -14.38 26.51
CA ALA C 13 -6.03 -15.26 25.97
C ALA C 13 -5.05 -15.61 27.08
N SER C 14 -4.32 -16.71 26.87
CA SER C 14 -3.36 -17.19 27.86
C SER C 14 -2.09 -16.36 27.82
N VAL C 15 -1.31 -16.46 28.89
CA VAL C 15 -0.03 -15.76 28.97
C VAL C 15 0.94 -16.37 27.96
N GLY C 16 1.50 -15.54 27.08
CA GLY C 16 2.41 -15.99 26.06
C GLY C 16 1.79 -16.18 24.69
N ASP C 17 0.46 -16.19 24.60
CA ASP C 17 -0.20 -16.32 23.32
C ASP C 17 -0.04 -15.06 22.49
N ARG C 18 -0.13 -15.21 21.17
CA ARG C 18 -0.16 -14.06 20.29
C ARG C 18 -1.56 -13.45 20.29
N VAL C 19 -1.62 -12.15 20.55
CA VAL C 19 -2.87 -11.40 20.59
C VAL C 19 -2.87 -10.40 19.45
N THR C 20 -3.92 -10.40 18.65
CA THR C 20 -4.03 -9.53 17.49
C THR C 20 -5.42 -8.91 17.45
N ILE C 21 -5.48 -7.58 17.39
CA ILE C 21 -6.73 -6.85 17.24
C ILE C 21 -6.66 -6.04 15.96
N THR C 22 -7.82 -5.76 15.39
CA THR C 22 -7.93 -5.06 14.12
C THR C 22 -8.66 -3.74 14.31
N CYS C 23 -8.45 -2.83 13.35
CA CYS C 23 -9.09 -1.52 13.39
C CYS C 23 -9.24 -1.07 11.94
N GLN C 24 -10.44 -1.20 11.39
CA GLN C 24 -10.71 -0.79 10.02
C GLN C 24 -11.26 0.63 10.00
N ALA C 25 -10.73 1.45 9.09
CA ALA C 25 -11.14 2.84 8.97
C ALA C 25 -12.29 2.96 7.97
N SER C 26 -13.15 3.95 8.21
CA SER C 26 -14.28 4.19 7.31
C SER C 26 -13.81 4.82 6.01
N GLN C 27 -12.83 5.70 6.07
CA GLN C 27 -12.21 6.30 4.91
C GLN C 27 -10.71 5.99 4.92
N ASP C 28 -10.04 6.35 3.82
CA ASP C 28 -8.59 6.23 3.79
C ASP C 28 -8.00 7.23 4.79
N ILE C 29 -7.20 6.73 5.73
CA ILE C 29 -6.51 7.57 6.68
C ILE C 29 -4.99 7.44 6.56
N SER C 30 -4.51 7.01 5.40
CA SER C 30 -3.07 6.81 5.21
C SER C 30 -2.53 5.81 6.21
N ASN C 31 -1.55 6.27 6.98
CA ASN C 31 -1.03 5.50 8.09
C ASN C 31 -1.11 6.27 9.41
N TYR C 32 -1.92 7.35 9.45
CA TYR C 32 -2.03 8.19 10.63
C TYR C 32 -3.04 7.58 11.62
N LEU C 33 -2.61 6.51 12.26
CA LEU C 33 -3.40 5.80 13.25
C LEU C 33 -2.53 5.46 14.45
N ASN C 34 -3.00 5.81 15.64
CA ASN C 34 -2.29 5.52 16.88
C ASN C 34 -3.05 4.49 17.70
N TRP C 35 -2.32 3.85 18.62
CA TRP C 35 -2.88 2.83 19.49
C TRP C 35 -2.59 3.21 20.93
N TYR C 36 -3.60 3.14 21.79
CA TYR C 36 -3.49 3.53 23.19
C TYR C 36 -3.80 2.35 24.10
N GLN C 37 -3.10 2.28 25.23
CA GLN C 37 -3.35 1.30 26.27
C GLN C 37 -3.80 2.04 27.52
N GLN C 38 -5.02 1.77 27.97
CA GLN C 38 -5.57 2.41 29.15
C GLN C 38 -5.83 1.34 30.20
N LYS C 39 -4.94 1.26 31.19
CA LYS C 39 -5.16 0.37 32.32
C LYS C 39 -6.32 0.90 33.16
N PRO C 40 -6.96 0.04 33.96
CA PRO C 40 -8.14 0.47 34.71
C PRO C 40 -7.86 1.69 35.57
N GLY C 41 -8.65 2.74 35.36
CA GLY C 41 -8.60 3.92 36.20
C GLY C 41 -7.61 4.97 35.73
N LYS C 42 -6.57 4.54 35.04
CA LYS C 42 -5.51 5.44 34.61
C LYS C 42 -5.86 6.08 33.27
N ALA C 43 -4.99 7.00 32.85
CA ALA C 43 -5.14 7.70 31.58
C ALA C 43 -4.63 6.82 30.44
N PRO C 44 -5.07 7.08 29.21
CA PRO C 44 -4.52 6.35 28.07
C PRO C 44 -3.03 6.57 27.92
N LYS C 45 -2.35 5.55 27.41
CA LYS C 45 -0.90 5.56 27.25
C LYS C 45 -0.57 5.18 25.82
N LEU C 46 0.12 6.08 25.11
CA LEU C 46 0.44 5.86 23.71
C LEU C 46 1.49 4.76 23.57
N LEU C 47 1.17 3.73 22.80
CA LEU C 47 2.09 2.63 22.52
C LEU C 47 2.62 2.67 21.09
N ILE C 48 1.73 2.65 20.11
CA ILE C 48 2.10 2.68 18.70
C ILE C 48 1.58 3.97 18.08
N TYR C 49 2.43 4.64 17.31
CA TYR C 49 2.04 5.82 16.57
C TYR C 49 2.37 5.62 15.10
N ASP C 50 1.58 6.26 14.24
CA ASP C 50 1.71 6.14 12.79
C ASP C 50 1.69 4.68 12.36
N ALA C 51 0.68 3.96 12.84
CA ALA C 51 0.32 2.61 12.42
C ALA C 51 1.33 1.54 12.85
N SER C 52 2.64 1.80 12.67
CA SER C 52 3.64 0.77 12.84
C SER C 52 4.83 1.15 13.71
N ASN C 53 4.95 2.41 14.13
CA ASN C 53 6.12 2.86 14.87
C ASN C 53 5.89 2.70 16.37
N LEU C 54 6.86 2.09 17.05
CA LEU C 54 6.79 1.83 18.49
C LEU C 54 7.30 3.03 19.26
N GLU C 55 6.48 3.54 20.19
CA GLU C 55 6.90 4.64 21.04
C GLU C 55 8.05 4.21 21.94
N THR C 56 8.93 5.17 22.24
CA THR C 56 10.12 4.87 23.02
C THR C 56 9.74 4.34 24.40
N GLY C 57 10.20 3.13 24.72
CA GLY C 57 9.98 2.54 26.02
C GLY C 57 8.93 1.46 26.06
N VAL C 58 8.12 1.35 25.02
CA VAL C 58 7.17 0.24 24.95
C VAL C 58 7.94 -1.05 24.72
N PRO C 59 7.59 -2.14 25.41
CA PRO C 59 8.31 -3.41 25.19
C PRO C 59 8.21 -3.87 23.75
N SER C 60 9.15 -4.76 23.37
CA SER C 60 9.22 -5.23 22.00
C SER C 60 8.00 -6.06 21.60
N ARG C 61 7.29 -6.64 22.57
CA ARG C 61 6.19 -7.54 22.27
C ARG C 61 5.01 -6.84 21.63
N PHE C 62 5.02 -5.51 21.51
CA PHE C 62 3.93 -4.76 20.89
C PHE C 62 4.30 -4.44 19.45
N SER C 63 3.36 -4.69 18.53
CA SER C 63 3.58 -4.54 17.11
C SER C 63 2.41 -3.81 16.48
N GLY C 64 2.63 -3.32 15.25
CA GLY C 64 1.60 -2.63 14.51
C GLY C 64 1.86 -2.66 13.02
N SER C 65 0.82 -2.92 12.23
CA SER C 65 0.96 -2.96 10.78
C SER C 65 -0.36 -2.54 10.15
N GLY C 66 -0.28 -2.11 8.90
CA GLY C 66 -1.46 -1.73 8.14
C GLY C 66 -1.36 -0.33 7.57
N SER C 67 -2.04 -0.13 6.43
CA SER C 67 -2.10 1.18 5.81
C SER C 67 -3.39 1.26 4.99
N GLY C 68 -3.77 2.49 4.67
CA GLY C 68 -5.01 2.71 3.93
C GLY C 68 -6.23 2.72 4.82
N THR C 69 -6.88 1.56 4.97
CA THR C 69 -8.08 1.45 5.79
C THR C 69 -8.06 0.30 6.78
N ASP C 70 -7.18 -0.69 6.63
CA ASP C 70 -7.13 -1.84 7.52
C ASP C 70 -5.80 -1.86 8.25
N PHE C 71 -5.87 -1.91 9.58
CA PHE C 71 -4.69 -1.89 10.43
C PHE C 71 -4.76 -3.03 11.43
N THR C 72 -3.59 -3.39 11.98
CA THR C 72 -3.48 -4.45 12.97
C THR C 72 -2.60 -3.99 14.13
N PHE C 73 -2.89 -4.54 15.30
CA PHE C 73 -2.13 -4.29 16.52
C PHE C 73 -1.88 -5.64 17.20
N THR C 74 -0.62 -6.06 17.27
CA THR C 74 -0.27 -7.40 17.69
C THR C 74 0.58 -7.38 18.94
N ILE C 75 0.26 -8.27 19.88
CA ILE C 75 1.09 -8.54 21.05
C ILE C 75 1.78 -9.88 20.81
N SER C 76 3.13 -9.86 20.82
CA SER C 76 3.91 -11.05 20.55
C SER C 76 3.57 -12.17 21.52
N SER C 77 3.94 -12.00 22.79
CA SER C 77 3.59 -12.95 23.84
C SER C 77 2.89 -12.18 24.95
N LEU C 78 1.62 -12.51 25.19
CA LEU C 78 0.83 -11.78 26.17
C LEU C 78 1.39 -11.96 27.57
N GLN C 79 1.47 -10.86 28.32
CA GLN C 79 1.97 -10.83 29.68
C GLN C 79 0.85 -10.43 30.63
N PRO C 80 0.95 -10.80 31.92
CA PRO C 80 -0.13 -10.47 32.85
C PRO C 80 -0.41 -8.98 32.97
N GLU C 81 0.63 -8.14 33.04
CA GLU C 81 0.40 -6.71 33.21
C GLU C 81 -0.13 -6.05 31.95
N ASP C 82 -0.27 -6.78 30.84
CA ASP C 82 -0.80 -6.21 29.61
C ASP C 82 -2.32 -6.04 29.64
N ILE C 83 -2.99 -6.39 30.73
CA ILE C 83 -4.44 -6.28 30.78
C ILE C 83 -4.83 -4.81 30.78
N ALA C 84 -5.67 -4.43 29.82
CA ALA C 84 -6.17 -3.07 29.67
C ALA C 84 -7.16 -3.00 28.53
N THR C 85 -7.73 -1.83 28.30
CA THR C 85 -8.59 -1.59 27.14
C THR C 85 -7.78 -0.83 26.11
N TYR C 86 -7.77 -1.34 24.88
CA TYR C 86 -6.93 -0.82 23.81
C TYR C 86 -7.80 -0.12 22.77
N TYR C 87 -7.45 1.12 22.45
CA TYR C 87 -8.18 1.93 21.49
C TYR C 87 -7.28 2.30 20.32
N CYS C 88 -7.91 2.49 19.15
CA CYS C 88 -7.23 3.03 17.99
C CYS C 88 -7.82 4.40 17.66
N GLN C 89 -6.98 5.32 17.21
CA GLN C 89 -7.42 6.67 16.90
C GLN C 89 -6.79 7.14 15.60
N GLN C 90 -7.56 7.85 14.80
CA GLN C 90 -7.03 8.60 13.67
C GLN C 90 -7.01 10.08 14.05
N TYR C 91 -5.97 10.79 13.59
CA TYR C 91 -5.81 12.18 13.97
C TYR C 91 -5.52 13.11 12.80
N ASP C 92 -5.24 12.59 11.61
CA ASP C 92 -4.89 13.46 10.49
C ASP C 92 -6.10 14.27 10.05
N ASN C 93 -7.22 13.61 9.78
CA ASN C 93 -8.44 14.27 9.34
C ASN C 93 -9.34 14.52 10.54
N LEU C 94 -9.84 15.75 10.66
CA LEU C 94 -10.71 16.21 11.75
C LEU C 94 -12.17 15.89 11.42
N PRO C 95 -12.98 15.53 12.43
CA PRO C 95 -12.60 15.42 13.84
C PRO C 95 -11.82 14.16 14.17
N VAL C 96 -11.10 14.17 15.29
CA VAL C 96 -10.37 12.99 15.74
C VAL C 96 -11.35 11.94 16.24
N THR C 97 -11.27 10.74 15.69
CA THR C 97 -12.21 9.66 16.01
C THR C 97 -11.45 8.47 16.58
N PHE C 98 -12.08 7.83 17.57
CA PHE C 98 -11.51 6.66 18.24
C PHE C 98 -12.25 5.39 17.82
N GLY C 99 -11.68 4.25 18.19
CA GLY C 99 -12.34 2.98 18.02
C GLY C 99 -13.17 2.62 19.24
N GLY C 100 -13.91 1.52 19.12
CA GLY C 100 -14.78 1.09 20.21
C GLY C 100 -14.01 0.63 21.43
N GLY C 101 -12.79 0.16 21.24
CA GLY C 101 -11.98 -0.33 22.34
C GLY C 101 -12.03 -1.85 22.44
N THR C 102 -10.92 -2.42 22.90
CA THR C 102 -10.80 -3.87 23.05
C THR C 102 -10.34 -4.17 24.47
N LYS C 103 -11.20 -4.84 25.24
CA LYS C 103 -10.84 -5.27 26.58
C LYS C 103 -10.11 -6.60 26.52
N VAL C 104 -8.97 -6.69 27.18
CA VAL C 104 -8.09 -7.85 27.13
C VAL C 104 -7.97 -8.43 28.53
N ASP C 105 -8.24 -9.72 28.65
CA ASP C 105 -8.16 -10.44 29.92
C ASP C 105 -7.22 -11.63 29.78
N ILE C 106 -6.58 -11.98 30.89
CA ILE C 106 -5.64 -13.11 30.92
C ILE C 106 -6.41 -14.40 31.16
N LYS C 107 -5.98 -15.47 30.50
CA LYS C 107 -6.50 -16.82 30.75
C LYS C 107 -5.49 -17.55 31.62
N ARG C 108 -5.68 -17.49 32.93
CA ARG C 108 -4.84 -18.19 33.89
C ARG C 108 -5.51 -19.48 34.32
N THR C 109 -4.93 -20.14 35.32
CA THR C 109 -5.48 -21.38 35.83
C THR C 109 -6.64 -21.08 36.78
N VAL C 110 -7.43 -22.11 37.07
CA VAL C 110 -8.62 -21.95 37.91
C VAL C 110 -8.20 -21.66 39.35
N ALA C 111 -8.84 -20.67 39.95
CA ALA C 111 -8.58 -20.28 41.34
C ALA C 111 -9.90 -20.13 42.07
N ALA C 112 -10.03 -20.81 43.21
CA ALA C 112 -11.25 -20.75 44.00
C ALA C 112 -11.27 -19.49 44.87
N PRO C 113 -12.42 -18.88 45.09
CA PRO C 113 -12.48 -17.65 45.88
C PRO C 113 -12.42 -17.92 47.36
N SER C 114 -11.82 -16.97 48.08
CA SER C 114 -11.86 -16.94 49.54
C SER C 114 -13.08 -16.12 49.96
N VAL C 115 -13.97 -16.73 50.73
CA VAL C 115 -15.26 -16.14 51.05
C VAL C 115 -15.22 -15.56 52.46
N PHE C 116 -15.76 -14.36 52.60
CA PHE C 116 -15.93 -13.70 53.90
C PHE C 116 -17.26 -12.98 53.91
N ILE C 117 -17.89 -12.93 55.08
CA ILE C 117 -19.15 -12.23 55.27
C ILE C 117 -19.01 -11.24 56.43
N PHE C 118 -19.59 -10.05 56.25
CA PHE C 118 -19.46 -8.98 57.23
C PHE C 118 -20.84 -8.49 57.66
N PRO C 119 -21.13 -8.47 58.95
CA PRO C 119 -22.41 -7.93 59.42
C PRO C 119 -22.43 -6.42 59.30
N PRO C 120 -23.60 -5.79 59.34
CA PRO C 120 -23.65 -4.34 59.36
C PRO C 120 -23.08 -3.80 60.68
N SER C 121 -22.29 -2.74 60.57
CA SER C 121 -21.69 -2.15 61.76
C SER C 121 -22.79 -1.59 62.67
N ASP C 122 -22.53 -1.65 63.97
CA ASP C 122 -23.45 -1.05 64.94
C ASP C 122 -23.58 0.45 64.70
N GLU C 123 -22.55 1.07 64.11
CA GLU C 123 -22.63 2.48 63.75
C GLU C 123 -23.67 2.70 62.66
N GLN C 124 -23.69 1.84 61.63
CA GLN C 124 -24.67 1.99 60.56
C GLN C 124 -26.07 1.65 61.05
N LEU C 125 -26.19 0.69 61.96
CA LEU C 125 -27.50 0.29 62.45
C LEU C 125 -28.19 1.45 63.18
N LYS C 126 -27.42 2.39 63.70
CA LYS C 126 -27.99 3.58 64.31
C LYS C 126 -28.63 4.51 63.27
N SER C 127 -28.22 4.40 62.00
CA SER C 127 -28.79 5.22 60.95
C SER C 127 -30.10 4.65 60.40
N GLY C 128 -30.57 3.52 60.92
CA GLY C 128 -31.77 2.89 60.44
C GLY C 128 -31.59 1.98 59.24
N THR C 129 -30.37 1.77 58.78
CA THR C 129 -30.09 0.95 57.61
C THR C 129 -29.01 -0.07 57.95
N ALA C 130 -29.13 -1.26 57.38
CA ALA C 130 -28.17 -2.34 57.56
C ALA C 130 -27.63 -2.79 56.20
N SER C 131 -26.32 -2.99 56.13
CA SER C 131 -25.67 -3.44 54.91
C SER C 131 -24.79 -4.65 55.24
N VAL C 132 -25.15 -5.80 54.69
CA VAL C 132 -24.37 -7.02 54.85
C VAL C 132 -23.55 -7.22 53.57
N VAL C 133 -22.25 -7.47 53.73
CA VAL C 133 -21.32 -7.55 52.63
C VAL C 133 -20.74 -8.96 52.54
N CYS C 134 -20.70 -9.49 51.32
CA CYS C 134 -20.13 -10.80 51.03
C CYS C 134 -18.93 -10.60 50.10
N LEU C 135 -17.81 -11.24 50.42
CA LEU C 135 -16.55 -11.01 49.73
C LEU C 135 -16.08 -12.29 49.04
N LEU C 136 -15.69 -12.14 47.78
CA LEU C 136 -15.02 -13.20 47.01
C LEU C 136 -13.68 -12.64 46.58
N ASN C 137 -12.59 -13.16 47.13
CA ASN C 137 -11.28 -12.58 46.93
C ASN C 137 -10.41 -13.48 46.07
N ASN C 138 -9.86 -12.92 44.99
CA ASN C 138 -8.86 -13.59 44.16
C ASN C 138 -9.33 -14.95 43.64
N PHE C 139 -10.20 -14.93 42.63
CA PHE C 139 -10.70 -16.14 42.00
C PHE C 139 -10.64 -15.98 40.49
N TYR C 140 -10.81 -17.10 39.78
CA TYR C 140 -10.83 -17.11 38.32
C TYR C 140 -11.53 -18.37 37.86
N PRO C 141 -12.38 -18.30 36.83
CA PRO C 141 -12.75 -17.12 36.04
C PRO C 141 -13.72 -16.18 36.74
N ARG C 142 -14.12 -15.11 36.05
CA ARG C 142 -15.01 -14.12 36.65
C ARG C 142 -16.41 -14.65 36.90
N GLU C 143 -16.82 -15.71 36.20
CA GLU C 143 -18.15 -16.28 36.39
C GLU C 143 -18.31 -16.80 37.80
N ALA C 144 -19.15 -16.15 38.59
CA ALA C 144 -19.39 -16.54 39.98
C ALA C 144 -20.81 -16.18 40.37
N LYS C 145 -21.51 -17.10 41.00
CA LYS C 145 -22.89 -16.91 41.42
C LYS C 145 -22.93 -16.75 42.94
N VAL C 146 -23.42 -15.60 43.40
CA VAL C 146 -23.58 -15.31 44.82
C VAL C 146 -25.08 -15.31 45.13
N GLN C 147 -25.47 -16.09 46.14
CA GLN C 147 -26.88 -16.25 46.50
C GLN C 147 -27.05 -15.89 47.96
N TRP C 148 -27.82 -14.85 48.24
CA TRP C 148 -28.09 -14.45 49.61
C TRP C 148 -29.21 -15.31 50.20
N LYS C 149 -29.01 -15.77 51.43
CA LYS C 149 -29.99 -16.57 52.15
C LYS C 149 -30.22 -15.96 53.52
N VAL C 150 -31.47 -15.62 53.80
CA VAL C 150 -31.87 -14.99 55.07
C VAL C 150 -32.88 -15.92 55.73
N ASP C 151 -32.44 -16.60 56.80
CA ASP C 151 -33.23 -17.66 57.44
C ASP C 151 -33.65 -18.71 56.41
N ASN C 152 -32.70 -19.08 55.55
CA ASN C 152 -32.84 -20.07 54.47
C ASN C 152 -33.74 -19.60 53.34
N ALA C 153 -34.12 -18.32 53.32
CA ALA C 153 -34.95 -17.79 52.24
C ALA C 153 -34.06 -17.13 51.20
N LEU C 154 -34.27 -17.48 49.93
CA LEU C 154 -33.46 -16.96 48.83
C LEU C 154 -33.87 -15.51 48.56
N GLN C 155 -32.96 -14.58 48.82
CA GLN C 155 -33.23 -13.17 48.60
C GLN C 155 -32.84 -12.77 47.18
N SER C 156 -33.60 -11.83 46.62
CA SER C 156 -33.32 -11.33 45.28
C SER C 156 -33.91 -9.95 45.13
N GLY C 157 -33.20 -9.07 44.41
CA GLY C 157 -33.66 -7.73 44.16
C GLY C 157 -33.19 -6.69 45.16
N ASN C 158 -32.65 -7.11 46.30
CA ASN C 158 -32.20 -6.20 47.35
C ASN C 158 -30.69 -6.18 47.50
N SER C 159 -29.97 -6.70 46.52
CA SER C 159 -28.52 -6.80 46.59
C SER C 159 -27.89 -6.26 45.31
N GLN C 160 -26.71 -5.68 45.47
CA GLN C 160 -25.91 -5.18 44.36
C GLN C 160 -24.48 -5.70 44.51
N GLU C 161 -23.90 -6.17 43.41
CA GLU C 161 -22.56 -6.72 43.43
C GLU C 161 -21.64 -5.93 42.51
N SER C 162 -20.34 -6.02 42.80
CA SER C 162 -19.33 -5.29 42.06
C SER C 162 -18.08 -6.15 41.93
N VAL C 163 -17.50 -6.17 40.72
CA VAL C 163 -16.34 -6.99 40.42
C VAL C 163 -15.19 -6.07 40.04
N THR C 164 -14.00 -6.35 40.57
CA THR C 164 -12.83 -5.58 40.22
C THR C 164 -12.36 -5.94 38.81
N GLU C 165 -11.31 -5.27 38.37
CA GLU C 165 -10.62 -5.67 37.16
C GLU C 165 -9.56 -6.71 37.50
N GLN C 166 -9.11 -7.43 36.47
CA GLN C 166 -8.11 -8.47 36.67
C GLN C 166 -6.87 -7.88 37.31
N ASP C 167 -6.44 -8.49 38.42
CA ASP C 167 -5.24 -8.02 39.10
C ASP C 167 -4.03 -8.18 38.19
N SER C 168 -3.30 -7.08 38.01
CA SER C 168 -2.18 -7.08 37.06
C SER C 168 -1.08 -8.07 37.44
N LYS C 169 -1.14 -8.66 38.63
CA LYS C 169 -0.11 -9.61 39.05
C LYS C 169 -0.56 -11.05 38.84
N ASP C 170 -1.61 -11.48 39.55
CA ASP C 170 -2.07 -12.86 39.49
C ASP C 170 -3.23 -13.06 38.53
N SER C 171 -3.72 -12.00 37.88
CA SER C 171 -4.78 -12.09 36.87
C SER C 171 -6.07 -12.68 37.45
N THR C 172 -6.37 -12.36 38.72
CA THR C 172 -7.56 -12.84 39.38
C THR C 172 -8.52 -11.69 39.64
N TYR C 173 -9.81 -12.03 39.70
CA TYR C 173 -10.86 -11.06 39.99
C TYR C 173 -11.23 -11.13 41.48
N SER C 174 -11.98 -10.12 41.92
CA SER C 174 -12.54 -10.10 43.26
C SER C 174 -13.94 -9.51 43.17
N LEU C 175 -14.88 -10.10 43.91
CA LEU C 175 -16.29 -9.75 43.84
C LEU C 175 -16.79 -9.33 45.21
N SER C 176 -17.63 -8.29 45.23
CA SER C 176 -18.26 -7.78 46.45
C SER C 176 -19.75 -7.67 46.22
N SER C 177 -20.54 -8.37 47.03
CA SER C 177 -21.99 -8.33 46.96
C SER C 177 -22.52 -7.67 48.23
N THR C 178 -23.31 -6.61 48.07
CA THR C 178 -23.81 -5.82 49.19
C THR C 178 -25.32 -5.96 49.27
N LEU C 179 -25.79 -6.49 50.40
CA LEU C 179 -27.21 -6.61 50.68
C LEU C 179 -27.64 -5.45 51.56
N THR C 180 -28.71 -4.75 51.16
CA THR C 180 -29.16 -3.55 51.85
C THR C 180 -30.55 -3.79 52.43
N LEU C 181 -30.66 -3.67 53.75
CA LEU C 181 -31.94 -3.79 54.45
C LEU C 181 -32.10 -2.63 55.43
N SER C 182 -33.34 -2.36 55.79
CA SER C 182 -33.61 -1.42 56.87
C SER C 182 -33.24 -2.06 58.20
N LYS C 183 -33.08 -1.20 59.22
CA LYS C 183 -32.80 -1.71 60.55
C LYS C 183 -33.94 -2.59 61.06
N ALA C 184 -35.18 -2.24 60.68
CA ALA C 184 -36.33 -3.06 61.06
C ALA C 184 -36.24 -4.44 60.41
N ASP C 185 -36.16 -4.47 59.08
CA ASP C 185 -36.13 -5.74 58.36
C ASP C 185 -34.89 -6.56 58.70
N TYR C 186 -33.80 -5.89 59.08
CA TYR C 186 -32.61 -6.62 59.52
C TYR C 186 -32.87 -7.32 60.85
N GLU C 187 -33.64 -6.70 61.74
CA GLU C 187 -33.92 -7.27 63.05
C GLU C 187 -35.09 -8.25 63.04
N LYS C 188 -35.68 -8.53 61.88
CA LYS C 188 -36.72 -9.53 61.77
C LYS C 188 -36.17 -10.92 61.49
N HIS C 189 -34.86 -11.05 61.30
CA HIS C 189 -34.25 -12.32 60.93
C HIS C 189 -32.98 -12.53 61.73
N LYS C 190 -32.61 -13.79 61.90
CA LYS C 190 -31.48 -14.17 62.72
C LYS C 190 -30.28 -14.68 61.93
N VAL C 191 -30.50 -15.48 60.89
CA VAL C 191 -29.42 -16.12 60.14
C VAL C 191 -29.24 -15.36 58.82
N TYR C 192 -28.03 -14.88 58.58
CA TYR C 192 -27.65 -14.23 57.33
C TYR C 192 -26.44 -14.94 56.75
N ALA C 193 -26.48 -15.23 55.44
CA ALA C 193 -25.41 -15.97 54.80
C ALA C 193 -25.46 -15.74 53.30
N CYS C 194 -24.30 -15.93 52.65
CA CYS C 194 -24.20 -15.90 51.20
C CYS C 194 -23.59 -17.21 50.71
N GLU C 195 -24.18 -17.78 49.67
CA GLU C 195 -23.77 -19.05 49.10
C GLU C 195 -23.06 -18.80 47.78
N VAL C 196 -21.80 -19.19 47.71
CA VAL C 196 -20.96 -18.94 46.54
C VAL C 196 -20.80 -20.24 45.77
N THR C 197 -21.14 -20.22 44.49
CA THR C 197 -20.90 -21.34 43.59
C THR C 197 -19.90 -20.89 42.52
N HIS C 198 -18.89 -21.71 42.28
CA HIS C 198 -17.81 -21.35 41.38
C HIS C 198 -17.21 -22.60 40.77
N GLN C 199 -16.53 -22.43 39.63
CA GLN C 199 -15.91 -23.57 38.95
C GLN C 199 -14.84 -24.21 39.83
N GLY C 200 -14.08 -23.39 40.56
CA GLY C 200 -12.99 -23.90 41.37
C GLY C 200 -13.43 -24.54 42.67
N LEU C 201 -14.75 -24.68 42.84
CA LEU C 201 -15.32 -25.25 44.04
C LEU C 201 -16.04 -26.55 43.68
N SER C 202 -15.73 -27.62 44.42
CA SER C 202 -16.41 -28.89 44.23
C SER C 202 -17.85 -28.84 44.71
N SER C 203 -18.19 -27.89 45.57
CA SER C 203 -19.54 -27.73 46.10
C SER C 203 -19.69 -26.30 46.59
N PRO C 204 -20.90 -25.76 46.60
CA PRO C 204 -21.08 -24.36 47.04
C PRO C 204 -20.62 -24.15 48.47
N VAL C 205 -19.87 -23.07 48.68
CA VAL C 205 -19.33 -22.71 50.00
C VAL C 205 -20.20 -21.62 50.60
N THR C 206 -20.50 -21.74 51.89
CA THR C 206 -21.39 -20.82 52.58
C THR C 206 -20.70 -20.26 53.83
N LYS C 207 -20.76 -18.94 53.98
CA LYS C 207 -20.33 -18.25 55.19
C LYS C 207 -21.53 -17.57 55.81
N SER C 208 -21.72 -17.76 57.11
CA SER C 208 -22.92 -17.29 57.79
C SER C 208 -22.56 -16.58 59.08
N PHE C 209 -23.57 -15.93 59.66
CA PHE C 209 -23.48 -15.35 60.99
C PHE C 209 -24.89 -15.18 61.54
N ASN C 210 -24.99 -15.17 62.87
CA ASN C 210 -26.26 -14.97 63.54
C ASN C 210 -26.33 -13.55 64.09
N ARG C 211 -27.45 -12.88 63.85
CA ARG C 211 -27.62 -11.51 64.31
C ARG C 211 -27.62 -11.46 65.84
N GLY C 212 -26.71 -10.66 66.40
CA GLY C 212 -26.59 -10.54 67.83
C GLY C 212 -25.39 -11.28 68.39
N GLU C 213 -25.12 -12.47 67.86
CA GLU C 213 -24.01 -13.29 68.34
C GLU C 213 -22.71 -12.88 67.66
N GLU D 1 17.60 15.55 -34.51
CA GLU D 1 16.62 14.54 -34.12
C GLU D 1 17.11 13.73 -32.93
N VAL D 2 16.19 13.37 -32.03
CA VAL D 2 16.51 12.47 -30.94
C VAL D 2 16.82 11.09 -31.52
N GLN D 3 17.99 10.55 -31.18
CA GLN D 3 18.50 9.39 -31.89
C GLN D 3 19.42 8.58 -30.98
N LEU D 4 19.20 7.26 -30.96
CA LEU D 4 20.04 6.32 -30.23
C LEU D 4 20.59 5.32 -31.22
N VAL D 5 21.92 5.28 -31.35
CA VAL D 5 22.60 4.38 -32.27
C VAL D 5 23.56 3.51 -31.46
N GLU D 6 23.25 2.22 -31.36
CA GLU D 6 24.11 1.27 -30.67
C GLU D 6 24.85 0.40 -31.68
N SER D 7 26.00 -0.11 -31.26
CA SER D 7 26.85 -0.91 -32.13
C SER D 7 27.69 -1.84 -31.26
N GLY D 8 28.65 -2.52 -31.88
CA GLY D 8 29.52 -3.43 -31.18
C GLY D 8 29.01 -4.84 -31.04
N GLY D 9 28.06 -5.26 -31.87
CA GLY D 9 27.51 -6.59 -31.80
C GLY D 9 28.05 -7.51 -32.88
N GLY D 10 28.02 -8.80 -32.59
CA GLY D 10 28.51 -9.81 -33.51
C GLY D 10 28.38 -11.22 -32.99
N VAL D 11 29.35 -12.08 -33.30
CA VAL D 11 29.38 -13.45 -32.85
C VAL D 11 30.59 -13.65 -31.95
N VAL D 12 30.45 -14.49 -30.93
CA VAL D 12 31.50 -14.71 -29.93
C VAL D 12 31.31 -16.10 -29.33
N GLN D 13 32.43 -16.75 -29.01
CA GLN D 13 32.36 -18.03 -28.35
C GLN D 13 31.81 -17.87 -26.94
N PRO D 14 31.19 -18.92 -26.39
CA PRO D 14 30.68 -18.83 -25.02
C PRO D 14 31.79 -18.59 -24.02
N GLY D 15 31.45 -17.90 -22.92
CA GLY D 15 32.40 -17.59 -21.88
C GLY D 15 33.29 -16.39 -22.15
N ARG D 16 33.36 -15.91 -23.40
CA ARG D 16 34.18 -14.77 -23.74
C ARG D 16 33.36 -13.48 -23.58
N SER D 17 33.99 -12.35 -23.86
CA SER D 17 33.42 -11.06 -23.55
C SER D 17 33.08 -10.27 -24.81
N LEU D 18 32.25 -9.25 -24.63
CA LEU D 18 31.86 -8.34 -25.70
C LEU D 18 31.40 -7.03 -25.05
N ARG D 19 31.59 -5.93 -25.77
CA ARG D 19 31.18 -4.62 -25.29
C ARG D 19 30.31 -3.94 -26.33
N LEU D 20 29.18 -3.40 -25.88
CA LEU D 20 28.26 -2.66 -26.72
C LEU D 20 28.30 -1.18 -26.39
N SER D 21 28.28 -0.34 -27.43
CA SER D 21 28.29 1.10 -27.29
C SER D 21 27.05 1.70 -27.94
N CYS D 22 26.45 2.67 -27.27
CA CYS D 22 25.19 3.28 -27.72
C CYS D 22 25.38 4.79 -27.79
N ALA D 23 25.38 5.34 -29.00
CA ALA D 23 25.57 6.76 -29.21
C ALA D 23 24.23 7.49 -29.12
N ALA D 24 24.23 8.63 -28.44
CA ALA D 24 23.03 9.42 -28.22
C ALA D 24 23.20 10.82 -28.79
N SER D 25 22.14 11.34 -29.38
CA SER D 25 22.15 12.68 -29.95
C SER D 25 20.72 13.21 -30.00
N GLY D 26 20.59 14.53 -29.93
CA GLY D 26 19.30 15.18 -30.02
C GLY D 26 18.61 15.44 -28.70
N PHE D 27 19.24 15.10 -27.57
CA PHE D 27 18.64 15.33 -26.27
C PHE D 27 19.75 15.45 -25.23
N THR D 28 19.47 16.17 -24.15
CA THR D 28 20.43 16.32 -23.06
C THR D 28 20.67 14.97 -22.40
N PHE D 29 21.66 14.23 -22.91
CA PHE D 29 21.94 12.89 -22.43
C PHE D 29 22.25 12.87 -20.94
N SER D 30 22.82 13.95 -20.42
CA SER D 30 23.25 13.98 -19.03
C SER D 30 22.08 13.78 -18.07
N SER D 31 20.89 14.28 -18.43
CA SER D 31 19.77 14.29 -17.50
C SER D 31 19.05 12.93 -17.47
N TYR D 32 18.76 12.38 -18.64
CA TYR D 32 17.98 11.15 -18.71
C TYR D 32 18.80 9.94 -18.28
N GLY D 33 18.10 8.92 -17.79
CA GLY D 33 18.69 7.62 -17.60
C GLY D 33 18.55 6.76 -18.84
N MET D 34 19.34 5.68 -18.91
CA MET D 34 19.40 4.85 -20.10
C MET D 34 19.24 3.38 -19.74
N HIS D 35 18.53 2.65 -20.60
CA HIS D 35 18.26 1.23 -20.40
C HIS D 35 18.98 0.40 -21.46
N TRP D 36 19.06 -0.90 -21.19
CA TRP D 36 19.46 -1.90 -22.16
C TRP D 36 18.40 -2.99 -22.19
N VAL D 37 17.85 -3.25 -23.38
CA VAL D 37 16.79 -4.24 -23.55
C VAL D 37 17.18 -5.16 -24.70
N ARG D 38 17.04 -6.47 -24.48
CA ARG D 38 17.36 -7.46 -25.49
C ARG D 38 16.11 -8.27 -25.84
N GLN D 39 16.10 -8.81 -27.07
CA GLN D 39 14.97 -9.60 -27.56
C GLN D 39 15.51 -10.76 -28.37
N ALA D 40 15.35 -11.98 -27.86
CA ALA D 40 15.72 -13.17 -28.60
C ALA D 40 14.81 -13.33 -29.82
N PRO D 41 15.27 -14.05 -30.84
CA PRO D 41 14.44 -14.24 -32.05
C PRO D 41 13.13 -14.93 -31.72
N GLY D 42 12.04 -14.37 -32.27
CA GLY D 42 10.72 -14.92 -32.07
C GLY D 42 10.11 -14.71 -30.69
N LYS D 43 10.92 -14.40 -29.67
CA LYS D 43 10.40 -14.25 -28.32
C LYS D 43 10.19 -12.76 -27.99
N GLY D 44 9.81 -12.50 -26.74
CA GLY D 44 9.49 -11.16 -26.31
C GLY D 44 10.69 -10.37 -25.80
N LEU D 45 10.41 -9.17 -25.31
CA LEU D 45 11.44 -8.29 -24.80
C LEU D 45 11.84 -8.70 -23.39
N GLU D 46 13.10 -8.48 -23.05
CA GLU D 46 13.63 -8.79 -21.73
C GLU D 46 14.57 -7.67 -21.31
N TRP D 47 14.23 -6.99 -20.22
CA TRP D 47 15.06 -5.90 -19.73
C TRP D 47 16.37 -6.44 -19.17
N VAL D 48 17.46 -5.73 -19.46
CA VAL D 48 18.80 -6.16 -19.02
C VAL D 48 19.23 -5.31 -17.84
N ALA D 49 19.53 -4.03 -18.08
CA ALA D 49 20.07 -3.18 -17.04
C ALA D 49 19.63 -1.74 -17.28
N VAL D 50 19.97 -0.89 -16.30
CA VAL D 50 19.67 0.54 -16.38
C VAL D 50 20.72 1.27 -15.57
N ILE D 51 20.99 2.52 -15.95
CA ILE D 51 21.97 3.35 -15.25
C ILE D 51 21.40 4.76 -15.12
N TRP D 52 21.79 5.44 -14.05
CA TRP D 52 21.23 6.75 -13.70
C TRP D 52 21.75 7.83 -14.64
N TYR D 53 21.48 9.09 -14.28
CA TYR D 53 22.01 10.21 -15.04
C TYR D 53 23.50 10.37 -14.81
N ASP D 54 23.96 10.09 -13.59
CA ASP D 54 25.37 10.20 -13.23
C ASP D 54 26.07 8.85 -13.13
N GLY D 55 25.31 7.74 -13.13
CA GLY D 55 25.91 6.43 -12.98
C GLY D 55 26.16 6.01 -11.56
N SER D 56 25.53 6.68 -10.58
CA SER D 56 25.79 6.37 -9.18
C SER D 56 25.28 4.98 -8.81
N ASN D 57 24.09 4.63 -9.27
CA ASN D 57 23.51 3.32 -8.99
C ASN D 57 23.21 2.61 -10.30
N LYS D 58 23.23 1.27 -10.25
CA LYS D 58 22.95 0.44 -11.41
C LYS D 58 22.11 -0.75 -10.97
N TYR D 59 21.22 -1.18 -11.86
CA TYR D 59 20.34 -2.31 -11.58
C TYR D 59 20.40 -3.28 -12.75
N TYR D 60 20.37 -4.58 -12.41
CA TYR D 60 20.50 -5.63 -13.41
C TYR D 60 19.44 -6.70 -13.15
N ALA D 61 19.05 -7.39 -14.22
CA ALA D 61 18.22 -8.58 -14.07
C ALA D 61 19.08 -9.73 -13.55
N ASP D 62 18.41 -10.69 -12.91
CA ASP D 62 19.14 -11.81 -12.31
C ASP D 62 19.86 -12.66 -13.36
N SER D 63 19.39 -12.64 -14.60
CA SER D 63 20.02 -13.45 -15.64
C SER D 63 21.42 -12.95 -15.98
N VAL D 64 21.68 -11.66 -15.82
CA VAL D 64 22.96 -11.06 -16.17
C VAL D 64 23.67 -10.46 -14.97
N LYS D 65 23.19 -10.75 -13.75
CA LYS D 65 23.80 -10.16 -12.55
C LYS D 65 25.21 -10.71 -12.36
N GLY D 66 26.16 -9.81 -12.11
CA GLY D 66 27.55 -10.15 -11.96
C GLY D 66 28.31 -10.34 -13.26
N ARG D 67 27.63 -10.70 -14.33
CA ARG D 67 28.28 -10.91 -15.63
C ARG D 67 28.31 -9.66 -16.47
N PHE D 68 27.22 -8.88 -16.47
CA PHE D 68 27.13 -7.67 -17.26
C PHE D 68 27.39 -6.45 -16.39
N THR D 69 27.88 -5.38 -17.02
CA THR D 69 28.17 -4.12 -16.34
C THR D 69 27.79 -2.98 -17.27
N ILE D 70 26.93 -2.09 -16.77
CA ILE D 70 26.46 -0.95 -17.55
C ILE D 70 27.22 0.30 -17.09
N SER D 71 27.55 1.17 -18.04
CA SER D 71 28.28 2.40 -17.75
C SER D 71 27.91 3.44 -18.80
N ARG D 72 28.29 4.69 -18.52
CA ARG D 72 27.99 5.79 -19.43
C ARG D 72 29.06 6.86 -19.29
N ASP D 73 29.32 7.54 -20.39
CA ASP D 73 30.27 8.66 -20.45
C ASP D 73 29.49 9.88 -20.90
N ASN D 74 29.07 10.72 -19.96
CA ASN D 74 28.23 11.86 -20.28
C ASN D 74 28.95 12.86 -21.17
N SER D 75 30.28 12.93 -21.08
CA SER D 75 31.03 13.84 -21.94
C SER D 75 31.02 13.40 -23.40
N LYS D 76 30.73 12.13 -23.66
CA LYS D 76 30.71 11.59 -25.02
C LYS D 76 29.31 11.26 -25.50
N ASN D 77 28.30 11.37 -24.64
CA ASN D 77 26.92 11.00 -24.97
C ASN D 77 26.85 9.55 -25.47
N THR D 78 27.44 8.65 -24.69
CA THR D 78 27.55 7.25 -25.07
C THR D 78 27.15 6.36 -23.91
N LEU D 79 26.43 5.27 -24.22
CA LEU D 79 26.03 4.27 -23.26
C LEU D 79 26.77 2.96 -23.54
N TYR D 80 27.17 2.27 -22.48
CA TYR D 80 27.96 1.07 -22.61
C TYR D 80 27.30 -0.09 -21.88
N LEU D 81 27.66 -1.31 -22.29
CA LEU D 81 27.20 -2.53 -21.63
C LEU D 81 28.31 -3.56 -21.77
N GLN D 82 29.03 -3.80 -20.68
CA GLN D 82 30.16 -4.74 -20.67
C GLN D 82 29.63 -6.15 -20.44
N MET D 83 29.65 -6.97 -21.49
CA MET D 83 29.14 -8.34 -21.45
C MET D 83 30.31 -9.31 -21.27
N ASN D 84 30.36 -9.99 -20.14
CA ASN D 84 31.41 -10.94 -19.83
C ASN D 84 30.81 -12.32 -19.57
N SER D 85 31.60 -13.36 -19.87
CA SER D 85 31.20 -14.76 -19.67
C SER D 85 29.83 -15.03 -20.28
N LEU D 86 29.75 -14.84 -21.60
CA LEU D 86 28.48 -14.89 -22.30
C LEU D 86 27.97 -16.32 -22.41
N ARG D 87 26.65 -16.46 -22.39
CA ARG D 87 25.97 -17.75 -22.51
C ARG D 87 25.17 -17.78 -23.80
N ALA D 88 24.53 -18.94 -24.07
CA ALA D 88 23.75 -19.09 -25.29
C ALA D 88 22.44 -18.31 -25.21
N GLU D 89 21.84 -18.25 -24.02
CA GLU D 89 20.58 -17.53 -23.86
C GLU D 89 20.75 -16.01 -23.98
N ASP D 90 21.98 -15.51 -24.04
CA ASP D 90 22.22 -14.10 -24.25
C ASP D 90 22.11 -13.69 -25.71
N THR D 91 21.97 -14.64 -26.63
CA THR D 91 21.83 -14.34 -28.05
C THR D 91 20.51 -13.63 -28.29
N ALA D 92 20.59 -12.35 -28.68
CA ALA D 92 19.38 -11.53 -28.85
C ALA D 92 19.77 -10.25 -29.58
N VAL D 93 18.74 -9.48 -29.93
CA VAL D 93 18.93 -8.13 -30.46
C VAL D 93 18.93 -7.16 -29.29
N TYR D 94 20.02 -6.41 -29.15
CA TYR D 94 20.22 -5.53 -28.00
C TYR D 94 19.90 -4.10 -28.37
N TYR D 95 18.91 -3.52 -27.69
CA TYR D 95 18.52 -2.13 -27.88
C TYR D 95 18.94 -1.31 -26.67
N CYS D 96 19.28 -0.05 -26.91
CA CYS D 96 19.36 0.95 -25.85
C CYS D 96 18.18 1.89 -25.99
N ALA D 97 17.54 2.20 -24.85
CA ALA D 97 16.34 3.00 -24.86
C ALA D 97 16.42 4.09 -23.81
N LYS D 98 15.84 5.25 -24.11
CA LYS D 98 15.88 6.38 -23.19
C LYS D 98 14.93 6.14 -22.01
N GLY D 99 15.44 6.38 -20.80
CA GLY D 99 14.63 6.26 -19.62
C GLY D 99 14.00 7.58 -19.23
N PRO D 100 13.78 7.79 -17.94
CA PRO D 100 13.14 9.01 -17.47
C PRO D 100 14.15 10.11 -17.16
N ASP D 101 13.62 11.32 -17.00
CA ASP D 101 14.42 12.47 -16.59
C ASP D 101 14.32 12.60 -15.08
N ILE D 102 15.39 12.25 -14.38
CA ILE D 102 15.42 12.39 -12.94
C ILE D 102 15.85 13.80 -12.54
N LEU D 103 16.63 14.48 -13.37
CA LEU D 103 17.07 15.84 -13.08
C LEU D 103 15.88 16.80 -13.16
N THR D 104 15.41 17.10 -14.37
CA THR D 104 14.38 18.10 -14.60
C THR D 104 13.14 17.49 -15.24
N GLY D 105 12.79 16.28 -14.86
CA GLY D 105 11.61 15.63 -15.36
C GLY D 105 10.43 15.77 -14.42
N TYR D 106 9.58 14.75 -14.40
CA TYR D 106 8.53 14.67 -13.40
C TYR D 106 9.08 13.98 -12.16
N TYR D 107 8.41 14.20 -11.03
CA TYR D 107 8.85 13.57 -9.79
C TYR D 107 8.66 12.06 -9.85
N ASN D 108 7.48 11.61 -10.27
CA ASN D 108 7.28 10.19 -10.53
C ASN D 108 7.94 9.82 -11.85
N TYR D 109 9.23 9.47 -11.80
CA TYR D 109 9.93 9.10 -13.03
C TYR D 109 9.40 7.79 -13.61
N TYR D 110 8.61 7.02 -12.86
CA TYR D 110 7.97 5.84 -13.41
C TYR D 110 6.93 6.19 -14.47
N TYR D 111 6.50 7.45 -14.53
CA TYR D 111 5.50 7.85 -15.52
C TYR D 111 6.06 7.85 -16.93
N TYR D 112 7.37 8.10 -17.07
CA TYR D 112 8.00 8.04 -18.38
C TYR D 112 8.03 6.61 -18.91
N GLY D 113 8.07 6.49 -20.23
CA GLY D 113 8.26 5.22 -20.89
C GLY D 113 9.48 5.27 -21.80
N MET D 114 9.89 4.08 -22.26
CA MET D 114 11.00 3.98 -23.22
C MET D 114 10.53 4.60 -24.54
N ASP D 115 10.65 5.93 -24.60
CA ASP D 115 10.11 6.69 -25.73
C ASP D 115 11.02 6.67 -26.95
N VAL D 116 12.32 6.45 -26.77
CA VAL D 116 13.27 6.45 -27.87
C VAL D 116 14.07 5.15 -27.82
N TRP D 117 13.94 4.33 -28.85
CA TRP D 117 14.63 3.06 -28.95
C TRP D 117 15.74 3.15 -30.00
N GLY D 118 16.72 2.26 -29.85
CA GLY D 118 17.77 2.11 -30.84
C GLY D 118 17.33 1.21 -31.98
N GLN D 119 18.25 1.02 -32.92
CA GLN D 119 17.97 0.18 -34.08
C GLN D 119 18.21 -1.31 -33.80
N GLY D 120 18.91 -1.65 -32.73
CA GLY D 120 19.13 -3.03 -32.38
C GLY D 120 20.37 -3.64 -32.98
N THR D 121 21.43 -3.76 -32.17
CA THR D 121 22.61 -4.51 -32.58
C THR D 121 22.41 -5.98 -32.24
N MET D 122 23.06 -6.85 -33.01
CA MET D 122 22.84 -8.28 -32.95
C MET D 122 24.03 -8.98 -32.32
N VAL D 123 23.75 -9.95 -31.43
CA VAL D 123 24.77 -10.79 -30.85
C VAL D 123 24.35 -12.25 -31.02
N THR D 124 25.34 -13.13 -31.20
CA THR D 124 25.11 -14.55 -31.35
C THR D 124 26.20 -15.29 -30.58
N VAL D 125 25.84 -16.44 -30.01
CA VAL D 125 26.74 -17.25 -29.20
C VAL D 125 26.64 -18.70 -29.63
N SER D 126 27.80 -19.29 -29.94
CA SER D 126 27.90 -20.70 -30.28
C SER D 126 29.37 -21.09 -30.26
N SER D 127 29.63 -22.39 -30.13
CA SER D 127 30.98 -22.92 -30.23
C SER D 127 31.28 -23.51 -31.60
N ALA D 128 30.25 -23.86 -32.37
CA ALA D 128 30.45 -24.34 -33.74
C ALA D 128 31.02 -23.19 -34.59
N SER D 129 32.19 -23.42 -35.16
CA SER D 129 32.87 -22.38 -35.92
C SER D 129 32.30 -22.33 -37.35
N THR D 130 32.97 -21.59 -38.22
CA THR D 130 32.49 -21.40 -39.58
C THR D 130 32.51 -22.72 -40.35
N LYS D 131 31.47 -22.96 -41.13
CA LYS D 131 31.37 -24.17 -41.94
C LYS D 131 30.54 -23.90 -43.17
N GLY D 132 31.05 -24.29 -44.34
CA GLY D 132 30.32 -24.17 -45.57
C GLY D 132 29.23 -25.20 -45.68
N PRO D 133 28.23 -24.95 -46.52
CA PRO D 133 27.10 -25.87 -46.65
C PRO D 133 27.34 -26.99 -47.65
N SER D 134 26.64 -28.09 -47.41
CA SER D 134 26.59 -29.21 -48.34
C SER D 134 25.32 -29.08 -49.17
N VAL D 135 25.47 -29.02 -50.49
CA VAL D 135 24.36 -28.78 -51.40
C VAL D 135 23.92 -30.11 -52.00
N PHE D 136 22.68 -30.50 -51.73
CA PHE D 136 22.11 -31.72 -52.26
C PHE D 136 20.93 -31.41 -53.17
N PRO D 137 20.80 -32.09 -54.30
CA PRO D 137 19.73 -31.75 -55.25
C PRO D 137 18.42 -32.47 -54.96
N LEU D 138 17.34 -31.72 -54.81
CA LEU D 138 16.00 -32.28 -54.63
C LEU D 138 15.44 -32.55 -56.03
N ALA D 139 15.60 -33.79 -56.49
CA ALA D 139 15.27 -34.12 -57.87
C ALA D 139 13.76 -34.11 -58.11
N PRO D 140 13.33 -33.73 -59.30
CA PRO D 140 11.90 -33.78 -59.62
C PRO D 140 11.43 -35.20 -59.87
N SER D 141 10.18 -35.45 -59.48
CA SER D 141 9.60 -36.78 -59.60
C SER D 141 9.18 -37.04 -61.05
N SER D 142 8.67 -38.25 -61.30
CA SER D 142 8.29 -38.70 -62.64
C SER D 142 6.90 -39.33 -62.55
N LYS D 143 5.87 -38.50 -62.61
CA LYS D 143 4.49 -38.95 -62.52
C LYS D 143 3.64 -38.06 -63.43
N SER D 144 2.33 -38.13 -63.26
CA SER D 144 1.40 -37.31 -64.05
C SER D 144 0.91 -36.12 -63.23
N THR D 149 3.06 -29.69 -64.52
CA THR D 149 3.82 -28.92 -63.55
C THR D 149 4.51 -29.80 -62.53
N ALA D 150 5.80 -29.54 -62.28
CA ALA D 150 6.60 -30.30 -61.34
C ALA D 150 7.43 -29.33 -60.51
N ALA D 151 8.15 -29.88 -59.52
CA ALA D 151 8.96 -29.06 -58.62
C ALA D 151 10.29 -29.74 -58.34
N LEU D 152 11.35 -28.93 -58.35
CA LEU D 152 12.70 -29.38 -58.01
C LEU D 152 13.35 -28.30 -57.17
N GLY D 153 14.47 -28.64 -56.55
CA GLY D 153 15.13 -27.68 -55.69
C GLY D 153 16.48 -28.16 -55.22
N CYS D 154 17.00 -27.47 -54.20
CA CYS D 154 18.29 -27.76 -53.62
C CYS D 154 18.19 -27.71 -52.10
N LEU D 155 18.81 -28.69 -51.45
CA LEU D 155 18.87 -28.76 -49.99
C LEU D 155 20.23 -28.23 -49.55
N VAL D 156 20.22 -27.10 -48.85
CA VAL D 156 21.45 -26.45 -48.38
C VAL D 156 21.56 -26.81 -46.90
N LYS D 157 22.21 -27.94 -46.62
CA LYS D 157 22.21 -28.52 -45.28
C LYS D 157 23.53 -28.26 -44.57
N ASP D 158 23.44 -28.01 -43.26
CA ASP D 158 24.59 -27.91 -42.37
C ASP D 158 25.56 -26.80 -42.77
N TYR D 159 25.29 -25.56 -42.34
CA TYR D 159 26.22 -24.47 -42.54
C TYR D 159 26.12 -23.50 -41.37
N PHE D 160 27.18 -22.71 -41.20
CA PHE D 160 27.27 -21.73 -40.13
C PHE D 160 28.38 -20.76 -40.48
N PRO D 161 28.20 -19.45 -40.28
CA PRO D 161 26.93 -18.87 -39.82
C PRO D 161 26.04 -18.39 -40.96
N GLU D 162 24.98 -17.67 -40.62
CA GLU D 162 24.12 -17.07 -41.63
C GLU D 162 24.86 -15.92 -42.33
N PRO D 163 24.48 -15.59 -43.56
CA PRO D 163 23.49 -16.28 -44.40
C PRO D 163 24.10 -16.97 -45.61
N VAL D 164 23.25 -17.59 -46.42
CA VAL D 164 23.63 -18.11 -47.73
C VAL D 164 22.75 -17.46 -48.78
N THR D 165 23.32 -17.25 -49.95
CA THR D 165 22.61 -16.68 -51.10
C THR D 165 22.44 -17.76 -52.15
N VAL D 166 21.20 -18.09 -52.47
CA VAL D 166 20.87 -19.14 -53.42
C VAL D 166 20.26 -18.49 -54.66
N SER D 167 20.77 -18.87 -55.83
CA SER D 167 20.22 -18.44 -57.11
C SER D 167 20.21 -19.64 -58.05
N TRP D 168 19.49 -19.50 -59.16
CA TRP D 168 19.30 -20.60 -60.09
C TRP D 168 19.70 -20.18 -61.51
N ASN D 169 20.40 -21.08 -62.20
CA ASN D 169 20.87 -20.85 -63.56
C ASN D 169 21.66 -19.54 -63.66
N SER D 170 22.53 -19.30 -62.68
CA SER D 170 23.34 -18.09 -62.60
C SER D 170 22.47 -16.84 -62.56
N GLY D 171 21.32 -16.95 -61.89
CA GLY D 171 20.41 -15.84 -61.74
C GLY D 171 19.44 -15.64 -62.90
N ALA D 172 19.61 -16.37 -64.00
CA ALA D 172 18.71 -16.21 -65.13
C ALA D 172 17.31 -16.73 -64.82
N LEU D 173 17.20 -17.66 -63.87
CA LEU D 173 15.92 -18.26 -63.49
C LEU D 173 15.42 -17.58 -62.23
N THR D 174 14.38 -16.75 -62.39
CA THR D 174 13.70 -16.14 -61.26
C THR D 174 12.22 -16.54 -61.20
N SER D 175 11.78 -17.43 -62.09
CA SER D 175 10.37 -17.80 -62.19
C SER D 175 10.09 -18.99 -61.29
N GLY D 176 9.16 -18.82 -60.35
CA GLY D 176 8.78 -19.90 -59.47
C GLY D 176 9.81 -20.26 -58.41
N VAL D 177 10.88 -19.50 -58.29
CA VAL D 177 11.89 -19.77 -57.29
C VAL D 177 11.34 -19.41 -55.90
N HIS D 178 11.65 -20.25 -54.92
CA HIS D 178 11.18 -20.03 -53.55
C HIS D 178 12.26 -20.49 -52.59
N THR D 179 12.87 -19.55 -51.89
CA THR D 179 13.88 -19.84 -50.88
C THR D 179 13.27 -19.65 -49.51
N PHE D 180 13.32 -20.70 -48.68
CA PHE D 180 12.72 -20.68 -47.36
C PHE D 180 13.73 -20.22 -46.32
N PRO D 181 13.26 -19.58 -45.25
CA PRO D 181 14.18 -19.22 -44.15
C PRO D 181 14.75 -20.46 -43.50
N ALA D 182 16.02 -20.38 -43.13
CA ALA D 182 16.75 -21.54 -42.66
C ALA D 182 16.26 -21.98 -41.28
N VAL D 183 16.45 -23.28 -40.99
CA VAL D 183 16.27 -23.82 -39.65
C VAL D 183 17.60 -23.75 -38.93
N LEU D 184 17.54 -23.72 -37.60
CA LEU D 184 18.71 -23.85 -36.75
C LEU D 184 18.62 -25.21 -36.08
N GLN D 185 19.28 -26.20 -36.68
CA GLN D 185 19.29 -27.55 -36.13
C GLN D 185 19.90 -27.53 -34.73
N SER D 186 19.53 -28.54 -33.94
CA SER D 186 20.03 -28.64 -32.57
C SER D 186 21.54 -28.77 -32.49
N SER D 187 22.22 -29.04 -33.61
CA SER D 187 23.67 -29.13 -33.65
C SER D 187 24.35 -27.76 -33.73
N GLY D 188 23.58 -26.68 -33.92
CA GLY D 188 24.15 -25.37 -34.10
C GLY D 188 24.39 -24.96 -35.53
N LEU D 189 24.09 -25.84 -36.49
CA LEU D 189 24.25 -25.55 -37.90
C LEU D 189 22.90 -25.24 -38.54
N TYR D 190 22.95 -24.50 -39.65
CA TYR D 190 21.75 -24.09 -40.37
C TYR D 190 21.52 -24.99 -41.57
N SER D 191 20.25 -25.20 -41.89
CA SER D 191 19.84 -25.94 -43.08
C SER D 191 18.75 -25.14 -43.80
N LEU D 192 18.81 -25.17 -45.13
CA LEU D 192 17.92 -24.35 -45.95
C LEU D 192 17.54 -25.14 -47.20
N SER D 193 16.35 -24.85 -47.71
CA SER D 193 15.85 -25.47 -48.93
C SER D 193 15.34 -24.40 -49.86
N SER D 194 15.73 -24.48 -51.13
CA SER D 194 15.30 -23.54 -52.16
C SER D 194 14.80 -24.34 -53.35
N VAL D 195 13.56 -24.09 -53.77
CA VAL D 195 12.93 -24.86 -54.82
C VAL D 195 12.37 -23.93 -55.89
N VAL D 196 12.14 -24.51 -57.07
CA VAL D 196 11.61 -23.79 -58.21
C VAL D 196 10.61 -24.68 -58.94
N THR D 197 9.46 -24.12 -59.29
CA THR D 197 8.43 -24.85 -60.01
C THR D 197 8.62 -24.68 -61.51
N VAL D 198 8.51 -25.78 -62.24
CA VAL D 198 8.76 -25.79 -63.68
C VAL D 198 7.72 -26.66 -64.37
N PRO D 199 7.51 -26.46 -65.68
CA PRO D 199 6.61 -27.34 -66.40
C PRO D 199 7.21 -28.72 -66.59
N SER D 200 6.33 -29.73 -66.60
CA SER D 200 6.78 -31.11 -66.67
C SER D 200 7.46 -31.42 -68.00
N SER D 201 7.25 -30.59 -69.03
CA SER D 201 7.84 -30.87 -70.34
C SER D 201 9.32 -30.48 -70.38
N SER D 202 9.68 -29.37 -69.73
CA SER D 202 11.04 -28.85 -69.80
C SER D 202 12.02 -29.59 -68.91
N LEU D 203 11.59 -30.65 -68.21
CA LEU D 203 12.50 -31.36 -67.32
C LEU D 203 13.61 -32.04 -68.10
N GLY D 204 13.31 -32.58 -69.28
CA GLY D 204 14.29 -33.25 -70.09
C GLY D 204 14.93 -32.41 -71.18
N THR D 205 14.60 -31.11 -71.25
CA THR D 205 15.13 -30.23 -72.28
C THR D 205 15.61 -28.92 -71.68
N GLN D 206 15.99 -28.91 -70.41
CA GLN D 206 16.47 -27.70 -69.76
C GLN D 206 17.27 -28.07 -68.52
N THR D 207 18.42 -27.45 -68.34
CA THR D 207 19.25 -27.66 -67.17
C THR D 207 18.86 -26.71 -66.05
N TYR D 208 19.01 -27.18 -64.81
CA TYR D 208 18.70 -26.39 -63.63
C TYR D 208 19.85 -26.51 -62.63
N ILE D 209 20.53 -25.40 -62.38
CA ILE D 209 21.69 -25.36 -61.49
C ILE D 209 21.43 -24.32 -60.42
N CYS D 210 21.47 -24.74 -59.16
CA CYS D 210 21.37 -23.82 -58.05
C CYS D 210 22.76 -23.37 -57.63
N ASN D 211 22.89 -22.07 -57.38
CA ASN D 211 24.18 -21.46 -57.06
C ASN D 211 24.14 -20.99 -55.61
N VAL D 212 24.73 -21.77 -54.73
CA VAL D 212 24.80 -21.47 -53.30
C VAL D 212 26.12 -20.78 -53.01
N ASN D 213 26.05 -19.61 -52.38
CA ASN D 213 27.24 -18.83 -52.03
C ASN D 213 27.23 -18.59 -50.52
N HIS D 214 28.36 -18.87 -49.87
CA HIS D 214 28.49 -18.72 -48.43
C HIS D 214 29.80 -17.97 -48.15
N LYS D 215 29.68 -16.65 -47.95
CA LYS D 215 30.87 -15.83 -47.76
C LYS D 215 31.71 -16.20 -46.53
N PRO D 216 31.13 -16.48 -45.34
CA PRO D 216 31.99 -16.75 -44.18
C PRO D 216 32.97 -17.88 -44.37
N SER D 217 32.58 -18.94 -45.09
CA SER D 217 33.47 -20.05 -45.37
C SER D 217 34.23 -19.90 -46.69
N ASN D 218 33.95 -18.84 -47.44
CA ASN D 218 34.59 -18.59 -48.74
C ASN D 218 34.38 -19.77 -49.68
N THR D 219 33.12 -20.17 -49.85
CA THR D 219 32.77 -21.32 -50.66
C THR D 219 31.59 -20.99 -51.56
N LYS D 220 31.71 -21.33 -52.84
CA LYS D 220 30.63 -21.19 -53.80
C LYS D 220 30.44 -22.54 -54.50
N VAL D 221 29.23 -23.08 -54.43
CA VAL D 221 28.93 -24.40 -54.97
C VAL D 221 27.81 -24.26 -56.01
N ASP D 222 27.99 -24.92 -57.15
CA ASP D 222 26.98 -24.97 -58.20
C ASP D 222 26.59 -26.44 -58.39
N LYS D 223 25.33 -26.75 -58.10
CA LYS D 223 24.85 -28.13 -58.12
C LYS D 223 23.82 -28.30 -59.23
N ARG D 224 23.98 -29.35 -60.03
CA ARG D 224 23.05 -29.67 -61.11
C ARG D 224 21.90 -30.50 -60.58
N VAL D 225 20.68 -30.05 -60.85
CA VAL D 225 19.46 -30.75 -60.44
C VAL D 225 18.85 -31.38 -61.68
N GLU D 226 18.78 -32.71 -61.70
CA GLU D 226 18.30 -33.47 -62.84
C GLU D 226 17.42 -34.61 -62.35
N PRO D 227 16.46 -35.06 -63.16
CA PRO D 227 15.56 -36.14 -62.72
C PRO D 227 16.31 -37.43 -62.47
N LYS D 228 15.60 -38.37 -61.85
CA LYS D 228 16.16 -39.66 -61.46
C LYS D 228 15.78 -40.74 -62.47
N SER D 229 16.64 -41.75 -62.59
CA SER D 229 16.39 -42.88 -63.48
C SER D 229 17.21 -44.11 -63.06
N SER E 2 7.80 -11.55 -9.98
CA SER E 2 6.56 -11.79 -10.69
C SER E 2 6.49 -10.96 -11.98
N VAL E 3 6.20 -11.63 -13.09
CA VAL E 3 6.18 -10.97 -14.39
C VAL E 3 4.75 -10.64 -14.79
N LEU E 4 4.56 -10.26 -16.06
CA LEU E 4 3.26 -9.89 -16.58
C LEU E 4 2.72 -11.00 -17.49
N THR E 5 1.40 -11.07 -17.59
CA THR E 5 0.73 -12.09 -18.38
C THR E 5 -0.10 -11.42 -19.47
N GLN E 6 0.25 -11.67 -20.72
CA GLN E 6 -0.51 -11.19 -21.87
C GLN E 6 -1.09 -12.37 -22.64
N PRO E 7 -2.21 -12.18 -23.32
CA PRO E 7 -2.71 -13.22 -24.23
C PRO E 7 -1.71 -13.46 -25.34
N PRO E 8 -1.49 -14.72 -25.73
CA PRO E 8 -0.51 -15.00 -26.78
C PRO E 8 -0.83 -14.32 -28.10
N SER E 9 -2.11 -14.29 -28.49
CA SER E 9 -2.50 -13.67 -29.74
C SER E 9 -3.97 -13.27 -29.67
N VAL E 10 -4.28 -12.05 -30.07
CA VAL E 10 -5.65 -11.58 -30.23
C VAL E 10 -5.89 -11.33 -31.72
N SER E 11 -7.15 -11.43 -32.12
CA SER E 11 -7.51 -11.29 -33.53
C SER E 11 -8.79 -10.49 -33.66
N GLY E 12 -8.89 -9.75 -34.75
CA GLY E 12 -10.07 -8.94 -35.02
C GLY E 12 -10.14 -8.48 -36.47
N ALA E 13 -11.36 -8.43 -37.02
CA ALA E 13 -11.55 -7.96 -38.37
C ALA E 13 -11.32 -6.46 -38.45
N PRO E 14 -10.98 -5.94 -39.63
CA PRO E 14 -10.84 -4.48 -39.78
C PRO E 14 -12.14 -3.77 -39.43
N GLY E 15 -12.00 -2.61 -38.77
CA GLY E 15 -13.13 -1.85 -38.30
C GLY E 15 -13.65 -2.24 -36.93
N GLN E 16 -13.24 -3.39 -36.42
CA GLN E 16 -13.67 -3.84 -35.09
C GLN E 16 -12.75 -3.28 -34.02
N ARG E 17 -13.09 -3.55 -32.77
CA ARG E 17 -12.32 -3.11 -31.61
C ARG E 17 -11.83 -4.33 -30.85
N VAL E 18 -10.52 -4.38 -30.58
CA VAL E 18 -9.91 -5.47 -29.84
C VAL E 18 -9.25 -4.91 -28.59
N THR E 19 -9.09 -5.77 -27.59
CA THR E 19 -8.48 -5.42 -26.33
C THR E 19 -7.40 -6.43 -25.98
N ILE E 20 -6.27 -5.94 -25.48
CA ILE E 20 -5.16 -6.78 -25.06
C ILE E 20 -4.98 -6.58 -23.56
N SER E 21 -5.15 -7.66 -22.80
CA SER E 21 -5.05 -7.60 -21.35
C SER E 21 -3.60 -7.73 -20.89
N CYS E 22 -3.37 -7.38 -19.62
CA CYS E 22 -2.02 -7.39 -19.06
C CYS E 22 -2.16 -7.47 -17.53
N THR E 23 -2.23 -8.69 -17.02
CA THR E 23 -2.39 -8.93 -15.60
C THR E 23 -1.04 -9.08 -14.92
N GLY E 24 -0.98 -8.62 -13.67
CA GLY E 24 0.26 -8.59 -12.91
C GLY E 24 0.08 -9.26 -11.57
N SER E 25 0.71 -8.66 -10.56
CA SER E 25 0.71 -9.22 -9.21
C SER E 25 0.72 -8.06 -8.22
N SER E 26 1.04 -8.36 -6.96
CA SER E 26 1.08 -7.35 -5.91
C SER E 26 2.34 -6.49 -5.95
N SER E 27 3.32 -6.85 -6.76
CA SER E 27 4.62 -6.17 -6.76
C SER E 27 4.82 -5.27 -7.97
N ASN E 28 3.81 -5.11 -8.81
CA ASN E 28 4.00 -4.37 -10.05
C ASN E 28 2.79 -3.48 -10.34
N ILE E 29 1.75 -4.06 -10.95
CA ILE E 29 0.56 -3.26 -11.25
C ILE E 29 -0.31 -3.11 -10.02
N GLY E 30 -0.39 -4.15 -9.18
CA GLY E 30 -1.11 -4.03 -7.93
C GLY E 30 -0.45 -3.10 -6.94
N ALA E 31 0.86 -2.85 -7.10
CA ALA E 31 1.55 -1.90 -6.24
C ALA E 31 1.34 -0.46 -6.69
N GLY E 32 0.51 -0.21 -7.69
CA GLY E 32 0.23 1.14 -8.13
C GLY E 32 1.21 1.71 -9.13
N TYR E 33 2.08 0.90 -9.71
CA TYR E 33 2.99 1.40 -10.74
C TYR E 33 2.21 1.75 -12.00
N ASP E 34 2.90 2.43 -12.91
CA ASP E 34 2.33 2.75 -14.21
C ASP E 34 2.64 1.66 -15.22
N VAL E 35 1.81 1.59 -16.26
CA VAL E 35 1.93 0.58 -17.30
C VAL E 35 2.14 1.29 -18.63
N HIS E 36 3.16 0.87 -19.37
CA HIS E 36 3.45 1.41 -20.69
C HIS E 36 3.25 0.32 -21.73
N TRP E 37 2.83 0.73 -22.93
CA TRP E 37 2.52 -0.19 -24.02
C TRP E 37 3.42 0.11 -25.21
N TYR E 38 3.97 -0.96 -25.80
CA TYR E 38 4.89 -0.83 -26.92
C TYR E 38 4.39 -1.67 -28.10
N GLN E 39 4.45 -1.07 -29.30
CA GLN E 39 4.12 -1.76 -30.54
C GLN E 39 5.40 -2.05 -31.30
N GLN E 40 5.55 -3.27 -31.79
CA GLN E 40 6.74 -3.69 -32.53
C GLN E 40 6.30 -4.36 -33.82
N LEU E 41 6.48 -3.66 -34.93
CA LEU E 41 6.29 -4.27 -36.24
C LEU E 41 7.35 -5.36 -36.45
N PRO E 42 7.04 -6.37 -37.27
CA PRO E 42 8.01 -7.46 -37.48
C PRO E 42 9.31 -6.95 -38.09
N GLY E 43 10.42 -7.24 -37.40
CA GLY E 43 11.73 -6.83 -37.84
C GLY E 43 12.14 -5.42 -37.46
N THR E 44 11.31 -4.71 -36.70
CA THR E 44 11.58 -3.33 -36.32
C THR E 44 11.73 -3.21 -34.81
N ALA E 45 12.09 -2.01 -34.37
CA ALA E 45 12.20 -1.72 -32.95
C ALA E 45 10.84 -1.35 -32.37
N PRO E 46 10.66 -1.52 -31.07
CA PRO E 46 9.37 -1.18 -30.46
C PRO E 46 9.10 0.32 -30.52
N LYS E 47 7.81 0.66 -30.58
CA LYS E 47 7.36 2.03 -30.56
C LYS E 47 6.44 2.24 -29.36
N LEU E 48 6.65 3.34 -28.64
CA LEU E 48 5.85 3.64 -27.46
C LEU E 48 4.45 4.04 -27.88
N LEU E 49 3.46 3.21 -27.55
CA LEU E 49 2.06 3.50 -27.88
C LEU E 49 1.35 4.24 -26.75
N ILE E 50 1.50 3.76 -25.53
CA ILE E 50 0.84 4.35 -24.36
C ILE E 50 1.87 4.48 -23.25
N TYR E 51 1.91 5.65 -22.61
CA TYR E 51 2.75 5.86 -21.45
C TYR E 51 1.89 6.42 -20.32
N GLY E 52 2.17 5.99 -19.10
CA GLY E 52 1.40 6.44 -17.96
C GLY E 52 -0.04 5.96 -17.99
N ASN E 53 -0.20 4.66 -18.26
CA ASN E 53 -1.50 3.97 -18.24
C ASN E 53 -2.42 4.39 -19.37
N SER E 54 -2.63 5.69 -19.57
CA SER E 54 -3.65 6.16 -20.48
C SER E 54 -3.22 7.22 -21.49
N ASN E 55 -2.01 7.77 -21.38
CA ASN E 55 -1.61 8.88 -22.22
C ASN E 55 -0.97 8.39 -23.51
N ARG E 56 -1.25 9.11 -24.62
CA ARG E 56 -0.70 8.84 -25.93
C ARG E 56 0.42 9.83 -26.24
N PRO E 57 1.58 9.37 -26.71
CA PRO E 57 2.59 10.31 -27.19
C PRO E 57 2.12 11.01 -28.46
N SER E 58 2.69 12.19 -28.71
CA SER E 58 2.37 12.92 -29.92
C SER E 58 2.79 12.11 -31.14
N GLY E 59 1.84 11.88 -32.04
CA GLY E 59 2.04 11.08 -33.22
C GLY E 59 1.36 9.73 -33.21
N VAL E 60 0.89 9.28 -32.05
CA VAL E 60 0.18 8.01 -31.95
C VAL E 60 -1.28 8.23 -32.31
N PRO E 61 -1.87 7.43 -33.19
CA PRO E 61 -3.26 7.64 -33.59
C PRO E 61 -4.20 7.52 -32.39
N ASP E 62 -5.29 8.29 -32.45
CA ASP E 62 -6.28 8.31 -31.38
C ASP E 62 -7.06 6.99 -31.27
N ARG E 63 -6.89 6.08 -32.23
CA ARG E 63 -7.56 4.79 -32.15
C ARG E 63 -7.12 3.99 -30.93
N PHE E 64 -5.87 4.18 -30.50
CA PHE E 64 -5.35 3.46 -29.35
C PHE E 64 -5.71 4.18 -28.06
N SER E 65 -6.02 3.40 -27.03
CA SER E 65 -6.35 3.95 -25.72
C SER E 65 -5.94 2.93 -24.65
N GLY E 66 -5.63 3.43 -23.46
CA GLY E 66 -5.18 2.58 -22.38
C GLY E 66 -5.98 2.82 -21.11
N SER E 67 -5.88 1.85 -20.20
CA SER E 67 -6.57 1.93 -18.92
C SER E 67 -5.86 1.00 -17.95
N LYS E 68 -6.20 1.14 -16.67
CA LYS E 68 -5.62 0.31 -15.62
C LYS E 68 -6.59 0.26 -14.44
N SER E 69 -6.70 -0.93 -13.84
CA SER E 69 -7.58 -1.11 -12.69
C SER E 69 -7.00 -2.21 -11.82
N GLY E 70 -6.82 -1.90 -10.54
CA GLY E 70 -6.35 -2.88 -9.57
C GLY E 70 -5.02 -3.52 -9.90
N THR E 71 -5.07 -4.68 -10.56
CA THR E 71 -3.87 -5.46 -10.86
C THR E 71 -3.79 -5.81 -12.34
N SER E 72 -4.41 -5.01 -13.20
CA SER E 72 -4.42 -5.32 -14.62
C SER E 72 -4.54 -4.03 -15.43
N ALA E 73 -4.05 -4.09 -16.67
CA ALA E 73 -4.16 -3.00 -17.62
C ALA E 73 -4.62 -3.55 -18.96
N SER E 74 -5.26 -2.69 -19.76
CA SER E 74 -5.80 -3.11 -21.04
C SER E 74 -5.47 -2.08 -22.11
N LEU E 75 -5.16 -2.56 -23.30
CA LEU E 75 -4.94 -1.73 -24.47
C LEU E 75 -6.10 -1.92 -25.44
N ALA E 76 -6.74 -0.81 -25.82
CA ALA E 76 -7.93 -0.84 -26.67
C ALA E 76 -7.61 -0.23 -28.01
N ILE E 77 -7.70 -1.03 -29.08
CA ILE E 77 -7.48 -0.58 -30.44
C ILE E 77 -8.85 -0.55 -31.12
N THR E 78 -9.41 0.64 -31.26
CA THR E 78 -10.70 0.82 -31.91
C THR E 78 -10.49 1.05 -33.41
N GLY E 79 -11.40 0.49 -34.22
CA GLY E 79 -11.28 0.59 -35.66
C GLY E 79 -9.99 -0.02 -36.16
N LEU E 80 -9.94 -1.34 -36.24
CA LEU E 80 -8.71 -2.04 -36.59
C LEU E 80 -8.29 -1.72 -38.02
N GLN E 81 -7.02 -1.36 -38.19
CA GLN E 81 -6.42 -1.18 -39.48
C GLN E 81 -5.48 -2.35 -39.77
N ALA E 82 -5.25 -2.62 -41.05
CA ALA E 82 -4.33 -3.68 -41.42
C ALA E 82 -2.92 -3.42 -40.91
N GLU E 83 -2.57 -2.15 -40.75
CA GLU E 83 -1.25 -1.75 -40.26
C GLU E 83 -1.08 -1.98 -38.77
N ASP E 84 -2.16 -2.30 -38.06
CA ASP E 84 -2.08 -2.59 -36.63
C ASP E 84 -1.59 -4.00 -36.35
N GLU E 85 -1.44 -4.84 -37.37
CA GLU E 85 -0.95 -6.20 -37.19
C GLU E 85 0.51 -6.15 -36.76
N ALA E 86 0.75 -6.31 -35.46
CA ALA E 86 2.10 -6.29 -34.91
C ALA E 86 2.07 -6.99 -33.55
N ASP E 87 3.23 -7.01 -32.90
CA ASP E 87 3.35 -7.54 -31.55
C ASP E 87 3.27 -6.39 -30.55
N TYR E 88 2.52 -6.61 -29.47
CA TYR E 88 2.28 -5.58 -28.47
C TYR E 88 2.75 -6.07 -27.11
N TYR E 89 3.52 -5.22 -26.42
CA TYR E 89 4.10 -5.53 -25.13
C TYR E 89 3.66 -4.50 -24.10
N CYS E 90 3.21 -4.95 -22.95
CA CYS E 90 2.98 -4.08 -21.81
C CYS E 90 4.19 -4.13 -20.89
N GLN E 91 4.53 -2.98 -20.31
CA GLN E 91 5.71 -2.87 -19.46
C GLN E 91 5.36 -2.10 -18.20
N SER E 92 5.81 -2.62 -17.06
CA SER E 92 5.62 -1.95 -15.78
C SER E 92 6.93 -2.04 -15.01
N TYR E 93 6.86 -1.93 -13.69
CA TYR E 93 8.02 -1.96 -12.84
C TYR E 93 7.78 -2.92 -11.68
N ASP E 94 8.86 -3.50 -11.16
CA ASP E 94 8.78 -4.52 -10.13
C ASP E 94 9.34 -3.99 -8.82
N SER E 95 8.60 -4.20 -7.72
CA SER E 95 8.96 -3.73 -6.40
C SER E 95 9.06 -4.89 -5.41
N SER E 96 9.59 -6.03 -5.85
CA SER E 96 9.91 -7.10 -4.92
C SER E 96 10.83 -6.59 -3.82
N LEU E 97 12.00 -6.09 -4.21
CA LEU E 97 12.85 -5.30 -3.34
C LEU E 97 12.94 -3.90 -3.95
N SER E 98 12.75 -2.88 -3.14
CA SER E 98 12.65 -1.51 -3.64
C SER E 98 13.98 -1.08 -4.23
N GLY E 99 14.06 -1.08 -5.56
CA GLY E 99 15.19 -0.55 -6.27
C GLY E 99 14.73 0.15 -7.53
N PHE E 100 15.04 -0.44 -8.69
CA PHE E 100 14.50 0.05 -9.97
C PHE E 100 14.58 -1.12 -10.95
N TYR E 101 13.52 -1.92 -10.99
CA TYR E 101 13.41 -3.04 -11.91
C TYR E 101 12.14 -2.89 -12.73
N VAL E 102 12.21 -3.25 -14.00
CA VAL E 102 11.06 -3.18 -14.89
C VAL E 102 10.74 -4.58 -15.37
N VAL E 103 9.48 -4.77 -15.79
CA VAL E 103 8.99 -6.07 -16.22
C VAL E 103 8.20 -5.88 -17.51
N PHE E 104 8.47 -6.73 -18.49
CA PHE E 104 7.71 -6.77 -19.73
C PHE E 104 6.74 -7.94 -19.71
N GLY E 105 5.80 -7.92 -20.66
CA GLY E 105 4.88 -9.02 -20.82
C GLY E 105 5.36 -10.01 -21.88
N GLY E 106 4.66 -11.14 -21.96
CA GLY E 106 5.00 -12.15 -22.94
C GLY E 106 4.79 -11.72 -24.38
N GLY E 107 4.09 -10.61 -24.61
CA GLY E 107 3.81 -10.14 -25.95
C GLY E 107 2.55 -10.74 -26.53
N THR E 108 1.82 -9.94 -27.30
CA THR E 108 0.58 -10.38 -27.94
C THR E 108 0.68 -10.11 -29.42
N LYS E 109 0.49 -11.14 -30.23
CA LYS E 109 0.54 -11.02 -31.70
C LYS E 109 -0.86 -10.69 -32.20
N LEU E 110 -1.10 -9.43 -32.49
CA LEU E 110 -2.38 -9.02 -33.06
C LEU E 110 -2.39 -9.31 -34.55
N THR E 111 -3.40 -10.04 -35.02
CA THR E 111 -3.54 -10.40 -36.42
C THR E 111 -4.86 -9.88 -36.93
N VAL E 112 -4.82 -8.91 -37.83
CA VAL E 112 -6.05 -8.38 -38.42
C VAL E 112 -6.53 -9.34 -39.50
N LEU E 113 -7.79 -9.73 -39.41
CA LEU E 113 -8.37 -10.66 -40.37
C LEU E 113 -8.45 -10.04 -41.75
N GLY E 114 -7.38 -10.16 -42.52
CA GLY E 114 -7.34 -9.57 -43.85
C GLY E 114 -8.16 -10.34 -44.87
N GLN E 115 -7.56 -11.37 -45.44
CA GLN E 115 -8.14 -12.15 -46.52
C GLN E 115 -8.82 -13.39 -45.93
N PRO E 116 -9.48 -14.23 -46.73
CA PRO E 116 -10.05 -15.46 -46.18
C PRO E 116 -8.99 -16.53 -45.96
N LYS E 117 -9.44 -17.69 -45.49
CA LYS E 117 -8.55 -18.80 -45.24
C LYS E 117 -8.02 -19.37 -46.55
N ALA E 118 -6.86 -20.02 -46.45
CA ALA E 118 -6.20 -20.60 -47.62
C ALA E 118 -5.56 -21.92 -47.21
N ALA E 119 -5.97 -23.01 -47.87
CA ALA E 119 -5.38 -24.31 -47.60
C ALA E 119 -3.96 -24.37 -48.13
N PRO E 120 -3.02 -24.93 -47.38
CA PRO E 120 -1.62 -24.95 -47.82
C PRO E 120 -1.36 -25.98 -48.92
N SER E 121 -0.39 -25.66 -49.76
CA SER E 121 0.14 -26.59 -50.74
C SER E 121 1.43 -27.21 -50.20
N VAL E 122 1.50 -28.53 -50.23
CA VAL E 122 2.59 -29.27 -49.59
C VAL E 122 3.39 -30.00 -50.66
N THR E 123 4.72 -29.93 -50.55
CA THR E 123 5.63 -30.62 -51.46
C THR E 123 6.68 -31.32 -50.62
N LEU E 124 6.59 -32.65 -50.56
CA LEU E 124 7.50 -33.46 -49.75
C LEU E 124 8.57 -34.06 -50.66
N PHE E 125 9.83 -33.92 -50.25
CA PHE E 125 10.96 -34.42 -51.01
C PHE E 125 11.65 -35.55 -50.28
N PRO E 126 11.85 -36.71 -50.93
CA PRO E 126 12.63 -37.78 -50.32
C PRO E 126 14.11 -37.41 -50.28
N PRO E 127 14.91 -38.11 -49.50
CA PRO E 127 16.35 -37.78 -49.45
C PRO E 127 17.00 -38.00 -50.80
N SER E 128 17.84 -37.04 -51.18
CA SER E 128 18.55 -37.13 -52.45
C SER E 128 19.52 -38.31 -52.44
N SER E 129 19.80 -38.84 -53.63
CA SER E 129 20.79 -39.91 -53.74
C SER E 129 22.17 -39.42 -53.33
N GLU E 130 22.47 -38.14 -53.54
CA GLU E 130 23.76 -37.59 -53.14
C GLU E 130 23.87 -37.48 -51.62
N GLU E 131 22.75 -37.27 -50.94
CA GLU E 131 22.79 -37.23 -49.47
C GLU E 131 22.96 -38.62 -48.89
N LEU E 132 22.36 -39.64 -49.52
CA LEU E 132 22.53 -41.01 -49.05
C LEU E 132 23.96 -41.49 -49.17
N GLN E 133 24.75 -40.91 -50.08
CA GLN E 133 26.16 -41.26 -50.15
C GLN E 133 26.94 -40.73 -48.95
N ALA E 134 26.53 -39.58 -48.42
CA ALA E 134 27.14 -39.01 -47.23
C ALA E 134 26.63 -39.63 -45.93
N ASN E 135 25.96 -40.78 -46.02
CA ASN E 135 25.44 -41.50 -44.86
C ASN E 135 24.44 -40.64 -44.07
N LYS E 136 23.70 -39.78 -44.76
CA LYS E 136 22.67 -38.96 -44.14
C LYS E 136 21.37 -39.12 -44.91
N ALA E 137 20.30 -38.57 -44.35
CA ALA E 137 18.99 -38.61 -44.98
C ALA E 137 18.11 -37.54 -44.36
N THR E 138 17.51 -36.70 -45.19
CA THR E 138 16.68 -35.59 -44.71
C THR E 138 15.46 -35.47 -45.60
N LEU E 139 14.29 -35.74 -45.04
CA LEU E 139 13.03 -35.48 -45.72
C LEU E 139 12.68 -34.01 -45.59
N VAL E 140 12.25 -33.40 -46.70
CA VAL E 140 11.98 -31.97 -46.77
C VAL E 140 10.49 -31.79 -47.08
N CYS E 141 9.75 -31.26 -46.11
CA CYS E 141 8.31 -30.99 -46.24
C CYS E 141 8.14 -29.49 -46.39
N LEU E 142 7.77 -29.03 -47.58
CA LEU E 142 7.66 -27.62 -47.89
C LEU E 142 6.19 -27.22 -47.96
N ILE E 143 5.84 -26.17 -47.21
CA ILE E 143 4.46 -25.73 -47.05
C ILE E 143 4.36 -24.28 -47.50
N SER E 144 3.29 -23.95 -48.23
CA SER E 144 3.12 -22.61 -48.76
C SER E 144 1.65 -22.34 -49.00
N ASP E 145 1.32 -21.05 -49.13
CA ASP E 145 -0.02 -20.59 -49.53
C ASP E 145 -1.08 -20.91 -48.48
N PHE E 146 -0.74 -20.78 -47.20
CA PHE E 146 -1.71 -20.96 -46.14
C PHE E 146 -1.88 -19.67 -45.36
N TYR E 147 -3.14 -19.37 -45.00
CA TYR E 147 -3.50 -18.20 -44.23
C TYR E 147 -4.68 -18.62 -43.36
N PRO E 148 -4.66 -18.31 -42.05
CA PRO E 148 -3.63 -17.57 -41.32
C PRO E 148 -2.35 -18.38 -41.11
N GLY E 149 -1.30 -17.71 -40.63
CA GLY E 149 -0.02 -18.37 -40.42
C GLY E 149 0.04 -19.18 -39.14
N ALA E 150 -0.61 -20.34 -39.16
CA ALA E 150 -0.63 -21.22 -37.98
C ALA E 150 -0.87 -22.64 -38.46
N VAL E 151 0.18 -23.45 -38.48
CA VAL E 151 0.10 -24.83 -38.94
C VAL E 151 0.80 -25.74 -37.93
N THR E 152 0.38 -27.00 -37.93
CA THR E 152 0.96 -28.03 -37.07
C THR E 152 1.46 -29.16 -37.97
N VAL E 153 2.75 -29.49 -37.85
CA VAL E 153 3.40 -30.47 -38.70
C VAL E 153 3.76 -31.68 -37.87
N ALA E 154 3.39 -32.87 -38.35
CA ALA E 154 3.72 -34.13 -37.71
C ALA E 154 4.10 -35.15 -38.77
N TRP E 155 5.06 -36.00 -38.43
CA TRP E 155 5.62 -37.01 -39.33
C TRP E 155 5.18 -38.40 -38.93
N LYS E 156 5.16 -39.31 -39.91
CA LYS E 156 4.73 -40.69 -39.71
C LYS E 156 5.69 -41.63 -40.42
N ALA E 157 5.67 -42.87 -40.00
CA ALA E 157 6.61 -43.89 -40.47
C ALA E 157 5.82 -45.18 -40.64
N ASP E 158 5.33 -45.41 -41.86
CA ASP E 158 4.41 -46.50 -42.15
C ASP E 158 3.19 -46.42 -41.24
N SER E 159 2.62 -45.22 -41.12
CA SER E 159 1.44 -44.89 -40.33
C SER E 159 1.76 -44.63 -38.85
N SER E 160 2.84 -45.22 -38.33
CA SER E 160 3.17 -44.94 -36.93
C SER E 160 3.81 -43.56 -36.81
N PRO E 161 3.48 -42.80 -35.76
CA PRO E 161 3.99 -41.43 -35.63
C PRO E 161 5.50 -41.40 -35.43
N VAL E 162 6.08 -40.25 -35.79
CA VAL E 162 7.51 -39.98 -35.61
C VAL E 162 7.64 -38.84 -34.62
N LYS E 163 8.40 -39.07 -33.55
CA LYS E 163 8.50 -38.12 -32.44
C LYS E 163 9.91 -37.59 -32.23
N ALA E 164 10.79 -37.72 -33.23
CA ALA E 164 12.17 -37.28 -33.06
C ALA E 164 12.76 -36.94 -34.42
N GLY E 165 13.80 -36.12 -34.40
CA GLY E 165 14.46 -35.70 -35.62
C GLY E 165 13.67 -34.72 -36.46
N VAL E 166 12.74 -33.99 -35.86
CA VAL E 166 11.86 -33.08 -36.58
C VAL E 166 12.23 -31.65 -36.23
N GLU E 167 12.43 -30.83 -37.25
CA GLU E 167 12.69 -29.41 -37.10
C GLU E 167 11.77 -28.64 -38.04
N THR E 168 11.15 -27.57 -37.54
CA THR E 168 10.14 -26.84 -38.30
C THR E 168 10.33 -25.35 -38.11
N THR E 169 10.25 -24.61 -39.21
CA THR E 169 10.34 -23.15 -39.17
C THR E 169 9.04 -22.54 -38.64
N THR E 170 9.16 -21.31 -38.16
CA THR E 170 8.00 -20.49 -37.92
C THR E 170 7.50 -19.91 -39.24
N PRO E 171 6.19 -19.94 -39.49
CA PRO E 171 5.67 -19.40 -40.76
C PRO E 171 6.09 -17.96 -40.97
N SER E 172 6.50 -17.66 -42.19
CA SER E 172 6.98 -16.32 -42.57
C SER E 172 6.08 -15.77 -43.66
N LYS E 173 5.66 -14.51 -43.50
CA LYS E 173 4.85 -13.86 -44.51
C LYS E 173 5.64 -13.70 -45.79
N GLN E 174 5.11 -14.21 -46.90
CA GLN E 174 5.78 -14.09 -48.19
C GLN E 174 5.20 -12.88 -48.93
N SER E 175 5.30 -12.85 -50.26
CA SER E 175 4.89 -11.66 -51.00
C SER E 175 3.38 -11.50 -51.00
N ASN E 176 2.64 -12.57 -51.30
CA ASN E 176 1.20 -12.46 -51.50
C ASN E 176 0.47 -12.49 -50.17
N ASN E 177 1.20 -12.22 -49.09
CA ASN E 177 0.71 -12.08 -47.72
C ASN E 177 0.16 -13.39 -47.15
N LYS E 178 0.31 -14.49 -47.86
CA LYS E 178 0.10 -15.79 -47.24
C LYS E 178 1.38 -16.20 -46.53
N TYR E 179 1.35 -17.35 -45.87
CA TYR E 179 2.47 -17.82 -45.10
C TYR E 179 3.08 -19.07 -45.72
N ALA E 180 4.34 -19.34 -45.36
CA ALA E 180 5.07 -20.49 -45.84
C ALA E 180 5.95 -21.02 -44.73
N ALA E 181 6.05 -22.35 -44.66
CA ALA E 181 6.85 -23.00 -43.62
C ALA E 181 7.50 -24.24 -44.20
N SER E 182 8.56 -24.69 -43.54
CA SER E 182 9.33 -25.85 -43.98
C SER E 182 9.67 -26.71 -42.77
N SER E 183 9.62 -28.03 -42.96
CA SER E 183 9.95 -28.99 -41.91
C SER E 183 10.91 -30.03 -42.45
N TYR E 184 11.82 -30.48 -41.61
CA TYR E 184 12.86 -31.42 -41.99
C TYR E 184 12.86 -32.61 -41.04
N LEU E 185 12.94 -33.81 -41.58
CA LEU E 185 13.04 -35.03 -40.79
C LEU E 185 14.40 -35.65 -41.08
N SER E 186 15.34 -35.49 -40.15
CA SER E 186 16.66 -36.10 -40.27
C SER E 186 16.57 -37.58 -39.94
N LEU E 187 17.12 -38.42 -40.81
CA LEU E 187 17.04 -39.86 -40.68
C LEU E 187 18.38 -40.47 -41.05
N THR E 188 18.53 -41.75 -40.75
CA THR E 188 19.59 -42.70 -41.07
C THR E 188 19.24 -43.46 -42.36
N PRO E 189 20.21 -43.60 -43.27
CA PRO E 189 19.95 -44.35 -44.50
C PRO E 189 19.40 -45.75 -44.26
N GLU E 190 19.76 -46.37 -43.15
CA GLU E 190 19.15 -47.65 -42.79
C GLU E 190 17.70 -47.48 -42.38
N GLN E 191 17.39 -46.39 -41.66
CA GLN E 191 16.01 -46.13 -41.28
C GLN E 191 15.16 -45.77 -42.50
N TRP E 192 15.75 -45.08 -43.47
CA TRP E 192 14.99 -44.61 -44.63
C TRP E 192 14.59 -45.76 -45.53
N LYS E 193 15.50 -46.71 -45.76
CA LYS E 193 15.21 -47.81 -46.68
C LYS E 193 14.47 -48.97 -46.01
N SER E 194 14.49 -49.05 -44.69
CA SER E 194 13.80 -50.13 -44.01
C SER E 194 12.29 -49.95 -44.05
N HIS E 195 11.81 -48.74 -43.78
CA HIS E 195 10.39 -48.47 -43.83
C HIS E 195 9.91 -48.39 -45.28
N ARG E 196 8.60 -48.54 -45.46
CA ARG E 196 8.01 -48.52 -46.79
C ARG E 196 7.51 -47.14 -47.21
N SER E 197 7.17 -46.28 -46.26
CA SER E 197 6.71 -44.94 -46.60
C SER E 197 7.00 -43.98 -45.45
N TYR E 198 7.05 -42.70 -45.79
CA TYR E 198 7.17 -41.62 -44.83
C TYR E 198 6.26 -40.48 -45.26
N SER E 199 5.59 -39.87 -44.29
CA SER E 199 4.60 -38.84 -44.59
C SER E 199 4.75 -37.67 -43.64
N CYS E 200 4.54 -36.46 -44.15
CA CYS E 200 4.44 -35.27 -43.32
C CYS E 200 3.00 -34.77 -43.38
N GLN E 201 2.32 -34.81 -42.25
CA GLN E 201 0.95 -34.33 -42.13
C GLN E 201 0.98 -32.92 -41.57
N VAL E 202 0.43 -31.97 -42.32
CA VAL E 202 0.33 -30.59 -41.89
C VAL E 202 -1.14 -30.27 -41.66
N THR E 203 -1.45 -29.72 -40.49
CA THR E 203 -2.81 -29.38 -40.10
C THR E 203 -2.99 -27.87 -40.11
N HIS E 204 -4.06 -27.41 -40.75
CA HIS E 204 -4.33 -25.98 -40.88
C HIS E 204 -5.83 -25.76 -40.78
N GLU E 205 -6.27 -25.12 -39.70
CA GLU E 205 -7.66 -24.70 -39.51
C GLU E 205 -8.63 -25.87 -39.69
N GLY E 206 -8.51 -26.83 -38.78
CA GLY E 206 -9.41 -27.97 -38.77
C GLY E 206 -9.33 -28.86 -40.00
N SER E 207 -8.21 -28.83 -40.72
CA SER E 207 -8.03 -29.66 -41.90
C SER E 207 -6.56 -30.03 -42.00
N THR E 208 -6.29 -31.22 -42.52
CA THR E 208 -4.94 -31.77 -42.57
C THR E 208 -4.64 -32.28 -43.98
N VAL E 209 -3.47 -31.88 -44.50
CA VAL E 209 -2.99 -32.34 -45.79
C VAL E 209 -1.82 -33.29 -45.56
N GLU E 210 -1.82 -34.40 -46.28
CA GLU E 210 -0.82 -35.45 -46.10
C GLU E 210 -0.13 -35.72 -47.42
N LYS E 211 1.21 -35.75 -47.39
CA LYS E 211 2.02 -36.12 -48.54
C LYS E 211 2.97 -37.23 -48.13
N THR E 212 3.20 -38.19 -49.04
CA THR E 212 3.96 -39.39 -48.73
C THR E 212 4.93 -39.68 -49.86
N VAL E 213 6.13 -40.16 -49.49
CA VAL E 213 7.17 -40.49 -50.45
C VAL E 213 7.64 -41.93 -50.22
N ALA E 214 8.07 -42.57 -51.31
CA ALA E 214 8.57 -43.93 -51.35
C ALA E 214 10.10 -43.93 -51.38
N PRO E 215 10.75 -45.04 -51.04
CA PRO E 215 12.22 -45.06 -51.02
C PRO E 215 12.84 -45.68 -52.27
N THR E 216 12.11 -45.70 -53.38
CA THR E 216 12.64 -46.26 -54.61
C THR E 216 13.77 -45.40 -55.17
#